data_1D85
# 
_entry.id   1D85 
# 
_audit_conform.dict_name       mmcif_pdbx.dic 
_audit_conform.dict_version    5.385 
_audit_conform.dict_location   http://mmcif.pdb.org/dictionaries/ascii/mmcif_pdbx.dic 
# 
loop_
_database_2.database_id 
_database_2.database_code 
_database_2.pdbx_database_accession 
_database_2.pdbx_DOI 
PDB   1D85         pdb_00001d85 10.2210/pdb1d85/pdb 
RCSB  GDLB17       ?            ?                   
WWPDB D_1000172682 ?            ?                   
# 
loop_
_pdbx_audit_revision_history.ordinal 
_pdbx_audit_revision_history.data_content_type 
_pdbx_audit_revision_history.major_revision 
_pdbx_audit_revision_history.minor_revision 
_pdbx_audit_revision_history.revision_date 
1 'Structure model' 1 0 1993-07-15 
2 'Structure model' 1 1 2008-05-22 
3 'Structure model' 1 2 2011-07-13 
4 'Structure model' 1 3 2024-02-07 
# 
_pdbx_audit_revision_details.ordinal             1 
_pdbx_audit_revision_details.revision_ordinal    1 
_pdbx_audit_revision_details.data_content_type   'Structure model' 
_pdbx_audit_revision_details.provider            repository 
_pdbx_audit_revision_details.type                'Initial release' 
_pdbx_audit_revision_details.description         ? 
_pdbx_audit_revision_details.details             ? 
# 
loop_
_pdbx_audit_revision_group.ordinal 
_pdbx_audit_revision_group.revision_ordinal 
_pdbx_audit_revision_group.data_content_type 
_pdbx_audit_revision_group.group 
1 2 'Structure model' 'Version format compliance' 
2 3 'Structure model' 'Version format compliance' 
3 4 'Structure model' 'Data collection'           
4 4 'Structure model' 'Database references'       
5 4 'Structure model' 'Derived calculations'      
# 
loop_
_pdbx_audit_revision_category.ordinal 
_pdbx_audit_revision_category.revision_ordinal 
_pdbx_audit_revision_category.data_content_type 
_pdbx_audit_revision_category.category 
1 4 'Structure model' chem_comp_atom 
2 4 'Structure model' chem_comp_bond 
3 4 'Structure model' database_2     
4 4 'Structure model' struct_conn    
5 4 'Structure model' struct_site    
# 
loop_
_pdbx_audit_revision_item.ordinal 
_pdbx_audit_revision_item.revision_ordinal 
_pdbx_audit_revision_item.data_content_type 
_pdbx_audit_revision_item.item 
1 4 'Structure model' '_database_2.pdbx_DOI'                
2 4 'Structure model' '_database_2.pdbx_database_accession' 
3 4 'Structure model' '_struct_conn.pdbx_leaving_atom_flag' 
4 4 'Structure model' '_struct_site.pdbx_auth_asym_id'      
5 4 'Structure model' '_struct_site.pdbx_auth_comp_id'      
6 4 'Structure model' '_struct_site.pdbx_auth_seq_id'       
# 
_pdbx_database_status.status_code                     REL 
_pdbx_database_status.entry_id                        1D85 
_pdbx_database_status.recvd_initial_deposition_date   1992-08-24 
_pdbx_database_status.deposit_site                    BNL 
_pdbx_database_status.process_site                    NDB 
_pdbx_database_status.SG_entry                        . 
_pdbx_database_status.pdb_format_compatible           Y 
_pdbx_database_status.status_code_mr                  ? 
_pdbx_database_status.status_code_sf                  ? 
_pdbx_database_status.status_code_cs                  ? 
_pdbx_database_status.status_code_nmr_data            ? 
_pdbx_database_status.methods_development_category    ? 
# 
loop_
_audit_author.name 
_audit_author.pdbx_ordinal 
'Sriram, M.'          1 
'Van Der Marel, G.A.' 2 
'Roelen, H.L.P.F.'    3 
'Van Boom, J.H.'      4 
'Wang, A.H.-J.'       5 
# 
_citation.id                        primary 
_citation.title                     
;Structural consequences of a carcinogenic alkylation lesion on DNA: effect of O6-ethylguanine on the molecular structure of the d(CGC[e6G]AATTCGCG)-netropsin complex.
;
_citation.journal_abbrev            Biochemistry 
_citation.journal_volume            31 
_citation.page_first                11823 
_citation.page_last                 11834 
_citation.year                      1992 
_citation.journal_id_ASTM           BICHAW 
_citation.country                   US 
_citation.journal_id_ISSN           0006-2960 
_citation.journal_id_CSD            0033 
_citation.book_publisher            ? 
_citation.pdbx_database_id_PubMed   1332773 
_citation.pdbx_database_id_DOI      10.1021/bi00162a022 
# 
loop_
_citation_author.citation_id 
_citation_author.name 
_citation_author.ordinal 
_citation_author.identifier_ORCID 
primary 'Sriram, M.'          1 ? 
primary 'van der Marel, G.A.' 2 ? 
primary 'Roelen, H.L.'        3 ? 
primary 'van Boom, J.H.'      4 ? 
primary 'Wang, A.H.'          5 ? 
# 
loop_
_entity.id 
_entity.type 
_entity.src_method 
_entity.pdbx_description 
_entity.formula_weight 
_entity.pdbx_number_of_molecules 
_entity.pdbx_ec 
_entity.pdbx_mutation 
_entity.pdbx_fragment 
_entity.details 
1 polymer     syn 
;DNA (5'-D(*CP*GP*CP*(G36)P*AP*AP*TP*TP*CP*GP*CP*G)-3')
;
3691.445 2  ? ? ? ? 
2 non-polymer syn NETROPSIN                                                430.464  1  ? ? ? ? 
3 water       nat water                                                    18.015   89 ? ? ? ? 
# 
_entity_poly.entity_id                      1 
_entity_poly.type                           polydeoxyribonucleotide 
_entity_poly.nstd_linkage                   no 
_entity_poly.nstd_monomer                   yes 
_entity_poly.pdbx_seq_one_letter_code       '(DC)(DG)(DC)(G36)(DA)(DA)(DT)(DT)(DC)(DG)(DC)(DG)' 
_entity_poly.pdbx_seq_one_letter_code_can   CGCGAATTCGCG 
_entity_poly.pdbx_strand_id                 A,B 
_entity_poly.pdbx_target_identifier         ? 
# 
loop_
_pdbx_entity_nonpoly.entity_id 
_pdbx_entity_nonpoly.name 
_pdbx_entity_nonpoly.comp_id 
2 NETROPSIN NT  
3 water     HOH 
# 
loop_
_entity_poly_seq.entity_id 
_entity_poly_seq.num 
_entity_poly_seq.mon_id 
_entity_poly_seq.hetero 
1 1  DC  n 
1 2  DG  n 
1 3  DC  n 
1 4  G36 n 
1 5  DA  n 
1 6  DA  n 
1 7  DT  n 
1 8  DT  n 
1 9  DC  n 
1 10 DG  n 
1 11 DC  n 
1 12 DG  n 
# 
loop_
_chem_comp.id 
_chem_comp.type 
_chem_comp.mon_nstd_flag 
_chem_comp.name 
_chem_comp.pdbx_synonyms 
_chem_comp.formula 
_chem_comp.formula_weight 
DA  'DNA linking' y "2'-DEOXYADENOSINE-5'-MONOPHOSPHATE"          ? 'C10 H14 N5 O6 P' 331.222 
DC  'DNA linking' y "2'-DEOXYCYTIDINE-5'-MONOPHOSPHATE"           ? 'C9 H14 N3 O7 P'  307.197 
DG  'DNA linking' y "2'-DEOXYGUANOSINE-5'-MONOPHOSPHATE"          ? 'C10 H14 N5 O7 P' 347.221 
DT  'DNA linking' y "THYMIDINE-5'-MONOPHOSPHATE"                  ? 'C10 H15 N2 O8 P' 322.208 
G36 'DNA linking' n "O6-ETHYL-2'-DEOXYGUANOSINE-5'-MONOPHOSPHATE" ? 'C12 H18 N5 O7 P' 375.274 
HOH non-polymer   . WATER                                         ? 'H2 O'            18.015  
NT  non-polymer   . NETROPSIN                                     ? 'C18 H26 N10 O3'  430.464 
# 
loop_
_pdbx_poly_seq_scheme.asym_id 
_pdbx_poly_seq_scheme.entity_id 
_pdbx_poly_seq_scheme.seq_id 
_pdbx_poly_seq_scheme.mon_id 
_pdbx_poly_seq_scheme.ndb_seq_num 
_pdbx_poly_seq_scheme.pdb_seq_num 
_pdbx_poly_seq_scheme.auth_seq_num 
_pdbx_poly_seq_scheme.pdb_mon_id 
_pdbx_poly_seq_scheme.auth_mon_id 
_pdbx_poly_seq_scheme.pdb_strand_id 
_pdbx_poly_seq_scheme.pdb_ins_code 
_pdbx_poly_seq_scheme.hetero 
A 1 1  DC  1  1  1  DC  C  A . n 
A 1 2  DG  2  2  2  DG  G  A . n 
A 1 3  DC  3  3  3  DC  C  A . n 
A 1 4  G36 4  4  4  G36 +G A . n 
A 1 5  DA  5  5  5  DA  A  A . n 
A 1 6  DA  6  6  6  DA  A  A . n 
A 1 7  DT  7  7  7  DT  T  A . n 
A 1 8  DT  8  8  8  DT  T  A . n 
A 1 9  DC  9  9  9  DC  C  A . n 
A 1 10 DG  10 10 10 DG  G  A . n 
A 1 11 DC  11 11 11 DC  C  A . n 
A 1 12 DG  12 12 12 DG  G  A . n 
B 1 1  DC  1  13 13 DC  C  B . n 
B 1 2  DG  2  14 14 DG  G  B . n 
B 1 3  DC  3  15 15 DC  C  B . n 
B 1 4  G36 4  16 16 G36 +G B . n 
B 1 5  DA  5  17 17 DA  A  B . n 
B 1 6  DA  6  18 18 DA  A  B . n 
B 1 7  DT  7  19 19 DT  T  B . n 
B 1 8  DT  8  20 20 DT  T  B . n 
B 1 9  DC  9  21 21 DC  C  B . n 
B 1 10 DG  10 22 22 DG  G  B . n 
B 1 11 DC  11 23 23 DC  C  B . n 
B 1 12 DG  12 24 24 DG  G  B . n 
# 
loop_
_pdbx_nonpoly_scheme.asym_id 
_pdbx_nonpoly_scheme.entity_id 
_pdbx_nonpoly_scheme.mon_id 
_pdbx_nonpoly_scheme.ndb_seq_num 
_pdbx_nonpoly_scheme.pdb_seq_num 
_pdbx_nonpoly_scheme.auth_seq_num 
_pdbx_nonpoly_scheme.pdb_mon_id 
_pdbx_nonpoly_scheme.auth_mon_id 
_pdbx_nonpoly_scheme.pdb_strand_id 
_pdbx_nonpoly_scheme.pdb_ins_code 
C 2 NT  1  25  25  NT  NT  B . 
D 3 HOH 1  28  28  HOH HOH A . 
D 3 HOH 2  29  29  HOH HOH A . 
D 3 HOH 3  35  35  HOH HOH A . 
D 3 HOH 4  39  39  HOH HOH A . 
D 3 HOH 5  40  40  HOH HOH A . 
D 3 HOH 6  41  41  HOH HOH A . 
D 3 HOH 7  47  47  HOH HOH A . 
D 3 HOH 8  48  48  HOH HOH A . 
D 3 HOH 9  49  49  HOH HOH A . 
D 3 HOH 10 54  54  HOH HOH A . 
D 3 HOH 11 57  57  HOH HOH A . 
D 3 HOH 12 58  58  HOH HOH A . 
D 3 HOH 13 60  60  HOH HOH A . 
D 3 HOH 14 62  62  HOH HOH A . 
D 3 HOH 15 63  63  HOH HOH A . 
D 3 HOH 16 64  64  HOH HOH A . 
D 3 HOH 17 68  68  HOH HOH A . 
D 3 HOH 18 69  69  HOH HOH A . 
D 3 HOH 19 71  71  HOH HOH A . 
D 3 HOH 20 75  75  HOH HOH A . 
D 3 HOH 21 79  79  HOH HOH A . 
D 3 HOH 22 80  80  HOH HOH A . 
D 3 HOH 23 81  81  HOH HOH A . 
D 3 HOH 24 84  84  HOH HOH A . 
D 3 HOH 25 88  88  HOH HOH A . 
D 3 HOH 26 93  93  HOH HOH A . 
D 3 HOH 27 94  94  HOH HOH A . 
D 3 HOH 28 98  98  HOH HOH A . 
D 3 HOH 29 99  99  HOH HOH A . 
D 3 HOH 30 100 100 HOH HOH A . 
D 3 HOH 31 105 105 HOH HOH A . 
D 3 HOH 32 107 107 HOH HOH A . 
D 3 HOH 33 109 109 HOH HOH A . 
D 3 HOH 34 110 110 HOH HOH A . 
E 3 HOH 1  26  26  HOH HOH B . 
E 3 HOH 2  27  27  HOH HOH B . 
E 3 HOH 3  30  30  HOH HOH B . 
E 3 HOH 4  31  31  HOH HOH B . 
E 3 HOH 5  32  32  HOH HOH B . 
E 3 HOH 6  33  33  HOH HOH B . 
E 3 HOH 7  34  34  HOH HOH B . 
E 3 HOH 8  36  36  HOH HOH B . 
E 3 HOH 9  37  37  HOH HOH B . 
E 3 HOH 10 38  38  HOH HOH B . 
E 3 HOH 11 42  42  HOH HOH B . 
E 3 HOH 12 43  43  HOH HOH B . 
E 3 HOH 13 44  44  HOH HOH B . 
E 3 HOH 14 45  45  HOH HOH B . 
E 3 HOH 15 46  46  HOH HOH B . 
E 3 HOH 16 50  50  HOH HOH B . 
E 3 HOH 17 51  51  HOH HOH B . 
E 3 HOH 18 52  52  HOH HOH B . 
E 3 HOH 19 53  53  HOH HOH B . 
E 3 HOH 20 55  55  HOH HOH B . 
E 3 HOH 21 56  56  HOH HOH B . 
E 3 HOH 22 59  59  HOH HOH B . 
E 3 HOH 23 61  61  HOH HOH B . 
E 3 HOH 24 65  65  HOH HOH B . 
E 3 HOH 25 66  66  HOH HOH B . 
E 3 HOH 26 67  67  HOH HOH B . 
E 3 HOH 27 70  70  HOH HOH B . 
E 3 HOH 28 72  72  HOH HOH B . 
E 3 HOH 29 73  73  HOH HOH B . 
E 3 HOH 30 74  74  HOH HOH B . 
E 3 HOH 31 76  76  HOH HOH B . 
E 3 HOH 32 77  77  HOH HOH B . 
E 3 HOH 33 78  78  HOH HOH B . 
E 3 HOH 34 82  82  HOH HOH B . 
E 3 HOH 35 83  83  HOH HOH B . 
E 3 HOH 36 85  85  HOH HOH B . 
E 3 HOH 37 86  86  HOH HOH B . 
E 3 HOH 38 87  87  HOH HOH B . 
E 3 HOH 39 89  89  HOH HOH B . 
E 3 HOH 40 90  90  HOH HOH B . 
E 3 HOH 41 91  91  HOH HOH B . 
E 3 HOH 42 92  92  HOH HOH B . 
E 3 HOH 43 95  95  HOH HOH B . 
E 3 HOH 44 96  96  HOH HOH B . 
E 3 HOH 45 97  97  HOH HOH B . 
E 3 HOH 46 101 101 HOH HOH B . 
E 3 HOH 47 102 102 HOH HOH B . 
E 3 HOH 48 103 103 HOH HOH B . 
E 3 HOH 49 104 104 HOH HOH B . 
E 3 HOH 50 106 106 HOH HOH B . 
E 3 HOH 51 108 108 HOH HOH B . 
E 3 HOH 52 111 111 HOH HOH B . 
E 3 HOH 53 112 112 HOH HOH B . 
E 3 HOH 54 113 113 HOH HOH B . 
E 3 HOH 55 114 114 HOH HOH B . 
# 
_software.name             NUCLSQ 
_software.classification   refinement 
_software.version          . 
_software.citation_id      ? 
_software.pdbx_ordinal     1 
# 
_cell.entry_id           1D85 
_cell.length_a           25.456 
_cell.length_b           41.126 
_cell.length_c           67.081 
_cell.angle_alpha        90.00 
_cell.angle_beta         90.00 
_cell.angle_gamma        90.00 
_cell.Z_PDB              8 
_cell.pdbx_unique_axis   ? 
# 
_symmetry.entry_id                         1D85 
_symmetry.space_group_name_H-M             'P 21 21 21' 
_symmetry.pdbx_full_space_group_name_H-M   ? 
_symmetry.cell_setting                     ? 
_symmetry.Int_Tables_number                19 
# 
_exptl.entry_id          1D85 
_exptl.method            'X-RAY DIFFRACTION' 
_exptl.crystals_number   ? 
# 
_exptl_crystal.id                    1 
_exptl_crystal.density_meas          ? 
_exptl_crystal.density_Matthews      2.38 
_exptl_crystal.density_percent_sol   48.28 
_exptl_crystal.description           ? 
# 
_exptl_crystal_grow.crystal_id      1 
_exptl_crystal_grow.method          'VAPOR DIFFUSION' 
_exptl_crystal_grow.temp            ? 
_exptl_crystal_grow.temp_details    'ROOM TEMPERATURE' 
_exptl_crystal_grow.pH              6.00 
_exptl_crystal_grow.pdbx_details    'pH 6.00, VAPOR DIFFUSION' 
_exptl_crystal_grow.pdbx_pH_range   ? 
# 
loop_
_exptl_crystal_grow_comp.crystal_id 
_exptl_crystal_grow_comp.id 
_exptl_crystal_grow_comp.sol_id 
_exptl_crystal_grow_comp.name 
_exptl_crystal_grow_comp.volume 
_exptl_crystal_grow_comp.conc 
_exptl_crystal_grow_comp.details 
1 1 1 WATER           ? ? ? 
1 2 1 MPD             ? ? ? 
1 3 1 'NA CACODYLATE' ? ? ? 
1 4 1 MGCL2           ? ? ? 
1 5 1 SPERMINE        ? ? ? 
1 6 2 WATER           ? ? ? 
1 7 2 MPD             ? ? ? 
# 
_diffrn.id                     1 
_diffrn.ambient_temp           ? 
_diffrn.ambient_temp_details   'ROOM TEMPERATURE' 
_diffrn.crystal_id             1 
# 
_diffrn_detector.diffrn_id              1 
_diffrn_detector.detector               DIFFRACTOMETER 
_diffrn_detector.type                   'RIGAKU AFC-5R' 
_diffrn_detector.pdbx_collection_date   ? 
_diffrn_detector.details                ? 
# 
_diffrn_radiation.diffrn_id                        1 
_diffrn_radiation.wavelength_id                    1 
_diffrn_radiation.pdbx_monochromatic_or_laue_m_l   ? 
_diffrn_radiation.monochromator                    ? 
_diffrn_radiation.pdbx_diffrn_protocol             ? 
_diffrn_radiation.pdbx_scattering_type             x-ray 
# 
_diffrn_radiation_wavelength.id           1 
_diffrn_radiation_wavelength.wavelength   . 
_diffrn_radiation_wavelength.wt           1.0 
# 
_diffrn_source.diffrn_id                   1 
_diffrn_source.source                      'ROTATING ANODE' 
_diffrn_source.type                        ? 
_diffrn_source.pdbx_synchrotron_site       ? 
_diffrn_source.pdbx_synchrotron_beamline   ? 
_diffrn_source.pdbx_wavelength             ? 
_diffrn_source.pdbx_wavelength_list        ? 
# 
_reflns.entry_id                     1D85 
_reflns.observed_criterion_sigma_I   ? 
_reflns.observed_criterion_sigma_F   ? 
_reflns.d_resolution_low             ? 
_reflns.d_resolution_high            2.000 
_reflns.number_obs                   ? 
_reflns.number_all                   ? 
_reflns.percent_possible_obs         ? 
_reflns.pdbx_Rmerge_I_obs            ? 
_reflns.pdbx_Rsym_value              ? 
_reflns.pdbx_netI_over_sigmaI        ? 
_reflns.B_iso_Wilson_estimate        ? 
_reflns.pdbx_redundancy              ? 
_reflns.pdbx_diffrn_id               1 
_reflns.pdbx_ordinal                 1 
# 
_refine.entry_id                                 1D85 
_refine.ls_number_reflns_obs                     1514 
_refine.ls_number_reflns_all                     ? 
_refine.pdbx_ls_sigma_I                          ? 
_refine.pdbx_ls_sigma_F                          2.000 
_refine.pdbx_data_cutoff_high_absF               ? 
_refine.pdbx_data_cutoff_low_absF                ? 
_refine.pdbx_data_cutoff_high_rms_absF           ? 
_refine.ls_d_res_low                             ? 
_refine.ls_d_res_high                            2.500 
_refine.ls_percent_reflns_obs                    ? 
_refine.ls_R_factor_obs                          0.156 
_refine.ls_R_factor_all                          ? 
_refine.ls_R_factor_R_work                       ? 
_refine.ls_R_factor_R_free                       ? 
_refine.ls_R_factor_R_free_error                 ? 
_refine.ls_R_factor_R_free_error_details         ? 
_refine.ls_percent_reflns_R_free                 ? 
_refine.ls_number_reflns_R_free                  ? 
_refine.ls_number_parameters                     ? 
_refine.ls_number_restraints                     ? 
_refine.occupancy_min                            ? 
_refine.occupancy_max                            ? 
_refine.B_iso_mean                               ? 
_refine.aniso_B[1][1]                            ? 
_refine.aniso_B[2][2]                            ? 
_refine.aniso_B[3][3]                            ? 
_refine.aniso_B[1][2]                            ? 
_refine.aniso_B[1][3]                            ? 
_refine.aniso_B[2][3]                            ? 
_refine.solvent_model_details                    ? 
_refine.solvent_model_param_ksol                 ? 
_refine.solvent_model_param_bsol                 ? 
_refine.pdbx_ls_cross_valid_method               ? 
_refine.details                                  ? 
_refine.pdbx_starting_model                      ? 
_refine.pdbx_method_to_determine_struct          ? 
_refine.pdbx_isotropic_thermal_model             ? 
_refine.pdbx_stereochemistry_target_values       ? 
_refine.pdbx_stereochem_target_val_spec_case     ? 
_refine.pdbx_R_Free_selection_details            ? 
_refine.pdbx_overall_ESU_R                       ? 
_refine.pdbx_overall_ESU_R_Free                  ? 
_refine.overall_SU_ML                            ? 
_refine.overall_SU_B                             ? 
_refine.pdbx_refine_id                           'X-RAY DIFFRACTION' 
_refine.pdbx_diffrn_id                           1 
_refine.pdbx_TLS_residual_ADP_flag               ? 
_refine.correlation_coeff_Fo_to_Fc               ? 
_refine.correlation_coeff_Fo_to_Fc_free          ? 
_refine.pdbx_solvent_vdw_probe_radii             ? 
_refine.pdbx_solvent_ion_probe_radii             ? 
_refine.pdbx_solvent_shrinkage_radii             ? 
_refine.pdbx_overall_phase_error                 ? 
_refine.overall_SU_R_Cruickshank_DPI             ? 
_refine.pdbx_overall_SU_R_free_Cruickshank_DPI   ? 
_refine.pdbx_overall_SU_R_Blow_DPI               ? 
_refine.pdbx_overall_SU_R_free_Blow_DPI          ? 
# 
_refine_hist.pdbx_refine_id                   'X-RAY DIFFRACTION' 
_refine_hist.cycle_id                         LAST 
_refine_hist.pdbx_number_atoms_protein        0 
_refine_hist.pdbx_number_atoms_nucleic_acid   486 
_refine_hist.pdbx_number_atoms_ligand         35 
_refine_hist.number_atoms_solvent             89 
_refine_hist.number_atoms_total               610 
_refine_hist.d_res_high                       2.500 
_refine_hist.d_res_low                        . 
# 
loop_
_refine_ls_restr.type 
_refine_ls_restr.dev_ideal 
_refine_ls_restr.dev_ideal_target 
_refine_ls_restr.weight 
_refine_ls_restr.number 
_refine_ls_restr.pdbx_refine_id 
_refine_ls_restr.pdbx_restraint_function 
n_bond_d               0.019 ? ? ? 'X-RAY DIFFRACTION' ? 
n_angle_d              ?     ? ? ? 'X-RAY DIFFRACTION' ? 
n_planar_d             ?     ? ? ? 'X-RAY DIFFRACTION' ? 
n_hb_or_metal_coord    ?     ? ? ? 'X-RAY DIFFRACTION' ? 
n_sugar_bond_it        ?     ? ? ? 'X-RAY DIFFRACTION' ? 
n_sugar_angle_it       ?     ? ? ? 'X-RAY DIFFRACTION' ? 
n_phos_bond_it         ?     ? ? ? 'X-RAY DIFFRACTION' ? 
n_phos_angle_it        ?     ? ? ? 'X-RAY DIFFRACTION' ? 
n_bond_angle_restr     ?     ? ? ? 'X-RAY DIFFRACTION' ? 
n_dihedral_angle_restr ?     ? ? ? 'X-RAY DIFFRACTION' ? 
n_impr_tor             ?     ? ? ? 'X-RAY DIFFRACTION' ? 
n_sugar_bond_d         ?     ? ? ? 'X-RAY DIFFRACTION' ? 
n_sugar_bond_angle_d   ?     ? ? ? 'X-RAY DIFFRACTION' ? 
n_phos_bond_d          ?     ? ? ? 'X-RAY DIFFRACTION' ? 
n_phos_bond_angle_d    ?     ? ? ? 'X-RAY DIFFRACTION' ? 
n_plane_restr          ?     ? ? ? 'X-RAY DIFFRACTION' ? 
n_chiral_restr         ?     ? ? ? 'X-RAY DIFFRACTION' ? 
n_singtor_nbd          ?     ? ? ? 'X-RAY DIFFRACTION' ? 
n_multtor_nbd          ?     ? ? ? 'X-RAY DIFFRACTION' ? 
n_xhyhbond_nbd         ?     ? ? ? 'X-RAY DIFFRACTION' ? 
# 
_struct.entry_id                  1D85 
_struct.title                     
;STRUCTURAL CONSEQUENCES OF A CARCINOGENIC ALKYLATION LESION ON DNA: EFFECT OF O6-ETHYL-GUANINE ON THE MOLECULAR STRUCTURE OF D(CGC[E6G]AATTCGCG)-NETROPSIN COMPLEX
;
_struct.pdbx_model_details        ? 
_struct.pdbx_CASP_flag            ? 
_struct.pdbx_model_type_details   ? 
# 
_struct_keywords.entry_id        1D85 
_struct_keywords.pdbx_keywords   DNA 
_struct_keywords.text            'B-DNA, DOUBLE HELIX, COMPLEXED WITH DRUG, MODIFIED, DNA' 
# 
loop_
_struct_asym.id 
_struct_asym.pdbx_blank_PDB_chainid_flag 
_struct_asym.pdbx_modified 
_struct_asym.entity_id 
_struct_asym.details 
A N N 1 ? 
B N N 1 ? 
C N N 2 ? 
D N N 3 ? 
E N N 3 ? 
# 
_struct_ref.id                         1 
_struct_ref.entity_id                  1 
_struct_ref.db_name                    PDB 
_struct_ref.db_code                    1D85 
_struct_ref.pdbx_db_accession          1D85 
_struct_ref.pdbx_db_isoform            ? 
_struct_ref.pdbx_seq_one_letter_code   ? 
_struct_ref.pdbx_align_begin           ? 
# 
loop_
_struct_ref_seq.align_id 
_struct_ref_seq.ref_id 
_struct_ref_seq.pdbx_PDB_id_code 
_struct_ref_seq.pdbx_strand_id 
_struct_ref_seq.seq_align_beg 
_struct_ref_seq.pdbx_seq_align_beg_ins_code 
_struct_ref_seq.seq_align_end 
_struct_ref_seq.pdbx_seq_align_end_ins_code 
_struct_ref_seq.pdbx_db_accession 
_struct_ref_seq.db_align_beg 
_struct_ref_seq.pdbx_db_align_beg_ins_code 
_struct_ref_seq.db_align_end 
_struct_ref_seq.pdbx_db_align_end_ins_code 
_struct_ref_seq.pdbx_auth_seq_align_beg 
_struct_ref_seq.pdbx_auth_seq_align_end 
1 1 1D85 A 1 ? 12 ? 1D85 1  ? 12 ? 1  12 
2 1 1D85 B 1 ? 12 ? 1D85 13 ? 24 ? 13 24 
# 
_pdbx_struct_assembly.id                   1 
_pdbx_struct_assembly.details              author_defined_assembly 
_pdbx_struct_assembly.method_details       ? 
_pdbx_struct_assembly.oligomeric_details   dimeric 
_pdbx_struct_assembly.oligomeric_count     2 
# 
_pdbx_struct_assembly_gen.assembly_id       1 
_pdbx_struct_assembly_gen.oper_expression   1 
_pdbx_struct_assembly_gen.asym_id_list      A,B,C,D,E 
# 
_pdbx_struct_oper_list.id                   1 
_pdbx_struct_oper_list.type                 'identity operation' 
_pdbx_struct_oper_list.name                 1_555 
_pdbx_struct_oper_list.symmetry_operation   x,y,z 
_pdbx_struct_oper_list.matrix[1][1]         1.0000000000 
_pdbx_struct_oper_list.matrix[1][2]         0.0000000000 
_pdbx_struct_oper_list.matrix[1][3]         0.0000000000 
_pdbx_struct_oper_list.vector[1]            0.0000000000 
_pdbx_struct_oper_list.matrix[2][1]         0.0000000000 
_pdbx_struct_oper_list.matrix[2][2]         1.0000000000 
_pdbx_struct_oper_list.matrix[2][3]         0.0000000000 
_pdbx_struct_oper_list.vector[2]            0.0000000000 
_pdbx_struct_oper_list.matrix[3][1]         0.0000000000 
_pdbx_struct_oper_list.matrix[3][2]         0.0000000000 
_pdbx_struct_oper_list.matrix[3][3]         1.0000000000 
_pdbx_struct_oper_list.vector[3]            0.0000000000 
# 
_struct_biol.id   1 
# 
loop_
_struct_conn.id 
_struct_conn.conn_type_id 
_struct_conn.pdbx_leaving_atom_flag 
_struct_conn.pdbx_PDB_id 
_struct_conn.ptnr1_label_asym_id 
_struct_conn.ptnr1_label_comp_id 
_struct_conn.ptnr1_label_seq_id 
_struct_conn.ptnr1_label_atom_id 
_struct_conn.pdbx_ptnr1_label_alt_id 
_struct_conn.pdbx_ptnr1_PDB_ins_code 
_struct_conn.pdbx_ptnr1_standard_comp_id 
_struct_conn.ptnr1_symmetry 
_struct_conn.ptnr2_label_asym_id 
_struct_conn.ptnr2_label_comp_id 
_struct_conn.ptnr2_label_seq_id 
_struct_conn.ptnr2_label_atom_id 
_struct_conn.pdbx_ptnr2_label_alt_id 
_struct_conn.pdbx_ptnr2_PDB_ins_code 
_struct_conn.ptnr1_auth_asym_id 
_struct_conn.ptnr1_auth_comp_id 
_struct_conn.ptnr1_auth_seq_id 
_struct_conn.ptnr2_auth_asym_id 
_struct_conn.ptnr2_auth_comp_id 
_struct_conn.ptnr2_auth_seq_id 
_struct_conn.ptnr2_symmetry 
_struct_conn.pdbx_ptnr3_label_atom_id 
_struct_conn.pdbx_ptnr3_label_seq_id 
_struct_conn.pdbx_ptnr3_label_comp_id 
_struct_conn.pdbx_ptnr3_label_asym_id 
_struct_conn.pdbx_ptnr3_label_alt_id 
_struct_conn.pdbx_ptnr3_PDB_ins_code 
_struct_conn.details 
_struct_conn.pdbx_dist_value 
_struct_conn.pdbx_value_order 
_struct_conn.pdbx_role 
covale1  covale both ? A DC  3  "O3'" ? ? ? 1_555 A G36 4  P  ? ? A DC  3  A G36 4  1_555 ? ? ? ? ? ? ?             1.649 ? ? 
covale2  covale one  ? A G36 4  "O3'" ? ? ? 1_555 A DA  5  P  ? ? A G36 4  A DA  5  1_555 ? ? ? ? ? ? ?             1.569 ? ? 
covale3  covale both ? B DC  3  "O3'" ? ? ? 1_555 B G36 4  P  ? ? B DC  15 B G36 16 1_555 ? ? ? ? ? ? ?             1.699 ? ? 
covale4  covale one  ? B G36 4  "O3'" ? ? ? 1_555 B DA  5  P  ? ? B G36 16 B DA  17 1_555 ? ? ? ? ? ? ?             1.647 ? ? 
hydrog1  hydrog ?    ? A DC  1  N3    ? ? ? 1_555 B DG  12 N1 ? ? A DC  1  B DG  24 1_555 ? ? ? ? ? ? WATSON-CRICK  ?     ? ? 
hydrog2  hydrog ?    ? A DC  1  N4    ? ? ? 1_555 B DG  12 O6 ? ? A DC  1  B DG  24 1_555 ? ? ? ? ? ? WATSON-CRICK  ?     ? ? 
hydrog3  hydrog ?    ? A DC  1  O2    ? ? ? 1_555 B DG  12 N2 ? ? A DC  1  B DG  24 1_555 ? ? ? ? ? ? WATSON-CRICK  ?     ? ? 
hydrog4  hydrog ?    ? A DG  2  N1    ? ? ? 1_555 B DC  11 N3 ? ? A DG  2  B DC  23 1_555 ? ? ? ? ? ? WATSON-CRICK  ?     ? ? 
hydrog5  hydrog ?    ? A DG  2  N2    ? ? ? 1_555 B DC  11 O2 ? ? A DG  2  B DC  23 1_555 ? ? ? ? ? ? WATSON-CRICK  ?     ? ? 
hydrog6  hydrog ?    ? A DG  2  O6    ? ? ? 1_555 B DC  11 N4 ? ? A DG  2  B DC  23 1_555 ? ? ? ? ? ? WATSON-CRICK  ?     ? ? 
hydrog7  hydrog ?    ? A DC  3  N3    ? ? ? 1_555 B DG  10 N1 ? ? A DC  3  B DG  22 1_555 ? ? ? ? ? ? WATSON-CRICK  ?     ? ? 
hydrog8  hydrog ?    ? A DC  3  N4    ? ? ? 1_555 B DG  10 O6 ? ? A DC  3  B DG  22 1_555 ? ? ? ? ? ? WATSON-CRICK  ?     ? ? 
hydrog9  hydrog ?    ? A DC  3  O2    ? ? ? 1_555 B DG  10 N2 ? ? A DC  3  B DG  22 1_555 ? ? ? ? ? ? WATSON-CRICK  ?     ? ? 
hydrog10 hydrog ?    ? A G36 4  N1    ? ? ? 1_555 B DC  9  N3 ? ? A G36 4  B DC  21 1_555 ? ? ? ? ? ? 'G36-DC PAIR' ?     ? ? 
hydrog11 hydrog ?    ? A DA  5  N6    ? ? ? 1_555 B DT  7  O4 ? ? A DA  5  B DT  19 1_555 ? ? ? ? ? ? 'DA-DT PAIR'  ?     ? ? 
hydrog12 hydrog ?    ? A DA  5  N1    ? ? ? 1_555 B DT  8  N3 ? ? A DA  5  B DT  20 1_555 ? ? ? ? ? ? WATSON-CRICK  ?     ? ? 
hydrog13 hydrog ?    ? A DA  5  N6    ? ? ? 1_555 B DT  8  O4 ? ? A DA  5  B DT  20 1_555 ? ? ? ? ? ? WATSON-CRICK  ?     ? ? 
hydrog14 hydrog ?    ? A DA  6  N1    ? ? ? 1_555 B DT  7  N3 ? ? A DA  6  B DT  19 1_555 ? ? ? ? ? ? WATSON-CRICK  ?     ? ? 
hydrog15 hydrog ?    ? A DA  6  N6    ? ? ? 1_555 B DT  7  O4 ? ? A DA  6  B DT  19 1_555 ? ? ? ? ? ? WATSON-CRICK  ?     ? ? 
hydrog16 hydrog ?    ? A DT  7  N3    ? ? ? 1_555 B DA  6  N1 ? ? A DT  7  B DA  18 1_555 ? ? ? ? ? ? WATSON-CRICK  ?     ? ? 
hydrog17 hydrog ?    ? A DT  7  O4    ? ? ? 1_555 B DA  6  N6 ? ? A DT  7  B DA  18 1_555 ? ? ? ? ? ? WATSON-CRICK  ?     ? ? 
hydrog18 hydrog ?    ? A DT  8  N3    ? ? ? 1_555 B DA  5  N1 ? ? A DT  8  B DA  17 1_555 ? ? ? ? ? ? WATSON-CRICK  ?     ? ? 
hydrog19 hydrog ?    ? A DT  8  O4    ? ? ? 1_555 B DA  5  N6 ? ? A DT  8  B DA  17 1_555 ? ? ? ? ? ? WATSON-CRICK  ?     ? ? 
hydrog20 hydrog ?    ? A DC  9  N3    ? ? ? 1_555 B G36 4  N2 ? ? A DC  9  B G36 16 1_555 ? ? ? ? ? ? 'DC-G36 PAIR' ?     ? ? 
hydrog21 hydrog ?    ? A DG  10 N1    ? ? ? 1_555 B DC  3  N3 ? ? A DG  10 B DC  15 1_555 ? ? ? ? ? ? WATSON-CRICK  ?     ? ? 
hydrog22 hydrog ?    ? A DG  10 N2    ? ? ? 1_555 B DC  3  O2 ? ? A DG  10 B DC  15 1_555 ? ? ? ? ? ? WATSON-CRICK  ?     ? ? 
hydrog23 hydrog ?    ? A DG  10 O6    ? ? ? 1_555 B DC  3  N4 ? ? A DG  10 B DC  15 1_555 ? ? ? ? ? ? WATSON-CRICK  ?     ? ? 
hydrog24 hydrog ?    ? A DC  11 N3    ? ? ? 1_555 B DG  2  N1 ? ? A DC  11 B DG  14 1_555 ? ? ? ? ? ? WATSON-CRICK  ?     ? ? 
hydrog25 hydrog ?    ? A DC  11 N4    ? ? ? 1_555 B DG  2  O6 ? ? A DC  11 B DG  14 1_555 ? ? ? ? ? ? WATSON-CRICK  ?     ? ? 
hydrog26 hydrog ?    ? A DC  11 O2    ? ? ? 1_555 B DG  2  N2 ? ? A DC  11 B DG  14 1_555 ? ? ? ? ? ? WATSON-CRICK  ?     ? ? 
hydrog27 hydrog ?    ? A DG  12 N1    ? ? ? 1_555 B DC  1  N3 ? ? A DG  12 B DC  13 1_555 ? ? ? ? ? ? WATSON-CRICK  ?     ? ? 
hydrog28 hydrog ?    ? A DG  12 N2    ? ? ? 1_555 B DC  1  O2 ? ? A DG  12 B DC  13 1_555 ? ? ? ? ? ? WATSON-CRICK  ?     ? ? 
hydrog29 hydrog ?    ? A DG  12 O6    ? ? ? 1_555 B DC  1  N4 ? ? A DG  12 B DC  13 1_555 ? ? ? ? ? ? WATSON-CRICK  ?     ? ? 
# 
loop_
_struct_conn_type.id 
_struct_conn_type.criteria 
_struct_conn_type.reference 
covale ? ? 
hydrog ? ? 
# 
loop_
_struct_site.id 
_struct_site.pdbx_evidence_code 
_struct_site.pdbx_auth_asym_id 
_struct_site.pdbx_auth_comp_id 
_struct_site.pdbx_auth_seq_id 
_struct_site.pdbx_auth_ins_code 
_struct_site.pdbx_num_residues 
_struct_site.details 
AC1 Software B NT 25 ? 9 'BINDING SITE FOR RESIDUE NT B 25' 
1   ?        ? ?  ?  ? ? ?                                  
# 
loop_
_struct_site_gen.id 
_struct_site_gen.site_id 
_struct_site_gen.pdbx_num_res 
_struct_site_gen.label_comp_id 
_struct_site_gen.label_asym_id 
_struct_site_gen.label_seq_id 
_struct_site_gen.pdbx_auth_ins_code 
_struct_site_gen.auth_comp_id 
_struct_site_gen.auth_asym_id 
_struct_site_gen.auth_seq_id 
_struct_site_gen.label_atom_id 
_struct_site_gen.label_alt_id 
_struct_site_gen.symmetry 
_struct_site_gen.details 
1 AC1 9 DA  A 6  ? DA  A 6  . ? 1_555 ? 
2 AC1 9 DT  A 7  ? DT  A 7  . ? 1_555 ? 
3 AC1 9 DC  A 9  ? DC  A 9  . ? 1_555 ? 
4 AC1 9 DG  A 12 ? DG  A 12 . ? 2_665 ? 
5 AC1 9 DT  B 7  ? DT  B 19 . ? 1_555 ? 
6 AC1 9 DT  B 8  ? DT  B 20 . ? 1_555 ? 
7 AC1 9 DC  B 9  ? DC  B 21 . ? 1_555 ? 
8 AC1 9 DG  B 10 ? DG  B 22 . ? 1_555 ? 
9 AC1 9 HOH E .  ? HOH B 86 . ? 1_555 ? 
# 
_pdbx_validate_symm_contact.id                1 
_pdbx_validate_symm_contact.PDB_model_num     1 
_pdbx_validate_symm_contact.auth_atom_id_1    OP2 
_pdbx_validate_symm_contact.auth_asym_id_1    A 
_pdbx_validate_symm_contact.auth_comp_id_1    DG 
_pdbx_validate_symm_contact.auth_seq_id_1     12 
_pdbx_validate_symm_contact.PDB_ins_code_1    ? 
_pdbx_validate_symm_contact.label_alt_id_1    ? 
_pdbx_validate_symm_contact.site_symmetry_1   1_555 
_pdbx_validate_symm_contact.auth_atom_id_2    O 
_pdbx_validate_symm_contact.auth_asym_id_2    B 
_pdbx_validate_symm_contact.auth_comp_id_2    HOH 
_pdbx_validate_symm_contact.auth_seq_id_2     77 
_pdbx_validate_symm_contact.PDB_ins_code_2    ? 
_pdbx_validate_symm_contact.label_alt_id_2    ? 
_pdbx_validate_symm_contact.site_symmetry_2   4_565 
_pdbx_validate_symm_contact.dist              1.89 
# 
loop_
_pdbx_validate_rmsd_bond.id 
_pdbx_validate_rmsd_bond.PDB_model_num 
_pdbx_validate_rmsd_bond.auth_atom_id_1 
_pdbx_validate_rmsd_bond.auth_asym_id_1 
_pdbx_validate_rmsd_bond.auth_comp_id_1 
_pdbx_validate_rmsd_bond.auth_seq_id_1 
_pdbx_validate_rmsd_bond.PDB_ins_code_1 
_pdbx_validate_rmsd_bond.label_alt_id_1 
_pdbx_validate_rmsd_bond.auth_atom_id_2 
_pdbx_validate_rmsd_bond.auth_asym_id_2 
_pdbx_validate_rmsd_bond.auth_comp_id_2 
_pdbx_validate_rmsd_bond.auth_seq_id_2 
_pdbx_validate_rmsd_bond.PDB_ins_code_2 
_pdbx_validate_rmsd_bond.label_alt_id_2 
_pdbx_validate_rmsd_bond.bond_value 
_pdbx_validate_rmsd_bond.bond_target_value 
_pdbx_validate_rmsd_bond.bond_deviation 
_pdbx_validate_rmsd_bond.bond_standard_deviation 
_pdbx_validate_rmsd_bond.linker_flag 
1 1 "O4'" A DA 6  ? ? "C1'" A DA  6  ? ? 1.490 1.420 0.070  0.011 N 
2 1 "O4'" A DG 10 ? ? "C1'" A DG  10 ? ? 1.520 1.420 0.100  0.011 N 
3 1 "O4'" A DG 12 ? ? "C1'" A DG  12 ? ? 1.490 1.420 0.070  0.011 N 
4 1 "O3'" B DC 15 ? ? P     B G36 16 ? ? 1.699 1.607 0.092  0.012 Y 
5 1 "O3'" B DA 17 ? ? P     B DA  18 ? ? 1.683 1.607 0.076  0.012 Y 
6 1 P     B DT 20 ? ? "O5'" B DT  20 ? ? 1.675 1.593 0.082  0.010 N 
7 1 C6    B DT 20 ? ? N1    B DT  20 ? ? 1.325 1.378 -0.053 0.007 N 
8 1 P     B DC 23 ? ? "O5'" B DC  23 ? ? 1.681 1.593 0.088  0.010 N 
# 
loop_
_pdbx_validate_rmsd_angle.id 
_pdbx_validate_rmsd_angle.PDB_model_num 
_pdbx_validate_rmsd_angle.auth_atom_id_1 
_pdbx_validate_rmsd_angle.auth_asym_id_1 
_pdbx_validate_rmsd_angle.auth_comp_id_1 
_pdbx_validate_rmsd_angle.auth_seq_id_1 
_pdbx_validate_rmsd_angle.PDB_ins_code_1 
_pdbx_validate_rmsd_angle.label_alt_id_1 
_pdbx_validate_rmsd_angle.auth_atom_id_2 
_pdbx_validate_rmsd_angle.auth_asym_id_2 
_pdbx_validate_rmsd_angle.auth_comp_id_2 
_pdbx_validate_rmsd_angle.auth_seq_id_2 
_pdbx_validate_rmsd_angle.PDB_ins_code_2 
_pdbx_validate_rmsd_angle.label_alt_id_2 
_pdbx_validate_rmsd_angle.auth_atom_id_3 
_pdbx_validate_rmsd_angle.auth_asym_id_3 
_pdbx_validate_rmsd_angle.auth_comp_id_3 
_pdbx_validate_rmsd_angle.auth_seq_id_3 
_pdbx_validate_rmsd_angle.PDB_ins_code_3 
_pdbx_validate_rmsd_angle.label_alt_id_3 
_pdbx_validate_rmsd_angle.angle_value 
_pdbx_validate_rmsd_angle.angle_target_value 
_pdbx_validate_rmsd_angle.angle_deviation 
_pdbx_validate_rmsd_angle.angle_standard_deviation 
_pdbx_validate_rmsd_angle.linker_flag 
1   1 "O5'" A DC 1  ? ? "C5'" A DC 1  ? ? "C4'" A DC  1  ? ? 103.74 109.40 -5.66  0.80 N 
2   1 N1    A DC 1  ? ? C2    A DC 1  ? ? O2    A DC  1  ? ? 124.45 118.90 5.55   0.60 N 
3   1 N3    A DC 1  ? ? C2    A DC 1  ? ? O2    A DC  1  ? ? 117.40 121.90 -4.50  0.70 N 
4   1 "O4'" A DG 2  ? ? "C4'" A DG 2  ? ? "C3'" A DG  2  ? ? 101.20 104.50 -3.30  0.40 N 
5   1 "O4'" A DG 2  ? ? "C1'" A DG 2  ? ? N9    A DG  2  ? ? 113.47 108.30 5.17   0.30 N 
6   1 C6    A DG 2  ? ? N1    A DG 2  ? ? C2    A DG  2  ? ? 120.53 125.10 -4.57  0.60 N 
7   1 C5    A DG 2  ? ? C6    A DG 2  ? ? N1    A DG  2  ? ? 115.57 111.50 4.07   0.50 N 
8   1 "O4'" A DC 3  ? ? "C1'" A DC 3  ? ? N1    A DC  3  ? ? 116.32 108.30 8.02   0.30 N 
9   1 "O5'" A DA 5  ? ? "C5'" A DA 5  ? ? "C4'" A DA  5  ? ? 103.27 109.40 -6.13  0.80 N 
10  1 "C3'" A DA 5  ? ? "C2'" A DA 5  ? ? "C1'" A DA  5  ? ? 97.57  102.40 -4.83  0.80 N 
11  1 "O4'" A DA 5  ? ? "C1'" A DA 5  ? ? "C2'" A DA  5  ? ? 100.58 105.90 -5.32  0.80 N 
12  1 C6    A DA 5  ? ? N1    A DA 5  ? ? C2    A DA  5  ? ? 124.11 118.60 5.51   0.60 N 
13  1 N1    A DA 5  ? ? C2    A DA 5  ? ? N3    A DA  5  ? ? 125.30 129.30 -4.00  0.50 N 
14  1 C5    A DA 5  ? ? C6    A DA 5  ? ? N1    A DA  5  ? ? 113.87 117.70 -3.83  0.50 N 
15  1 N1    A DA 5  ? ? C6    A DA 5  ? ? N6    A DA  5  ? ? 122.99 118.60 4.39   0.60 N 
16  1 OP1   A DA 6  ? ? P     A DA 6  ? ? OP2   A DA  6  ? ? 104.60 119.60 -15.00 1.50 N 
17  1 "O5'" A DA 6  ? ? P     A DA 6  ? ? OP2   A DA  6  ? ? 118.54 110.70 7.84   1.20 N 
18  1 "O5'" A DA 6  ? ? "C5'" A DA 6  ? ? "C4'" A DA  6  ? ? 103.70 109.40 -5.70  0.80 N 
19  1 "C1'" A DA 6  ? ? "O4'" A DA 6  ? ? "C4'" A DA  6  ? ? 102.91 110.10 -7.19  1.00 N 
20  1 "O4'" A DA 6  ? ? "C1'" A DA 6  ? ? "C2'" A DA  6  ? ? 98.83  105.90 -7.07  0.80 N 
21  1 "O4'" A DA 6  ? ? "C1'" A DA 6  ? ? N9    A DA  6  ? ? 111.26 108.30 2.96   0.30 N 
22  1 "O5'" A DT 7  ? ? "C5'" A DT 7  ? ? "C4'" A DT  7  ? ? 101.50 109.40 -7.90  0.80 N 
23  1 "C3'" A DT 7  ? ? "C2'" A DT 7  ? ? "C1'" A DT  7  ? ? 96.66  102.40 -5.74  0.80 N 
24  1 "O4'" A DT 7  ? ? "C1'" A DT 7  ? ? N1    A DT  7  ? ? 115.70 108.30 7.40   0.30 N 
25  1 N1    A DT 7  ? ? C2    A DT 7  ? ? N3    A DT  7  ? ? 119.78 114.60 5.18   0.60 N 
26  1 C2    A DT 7  ? ? N3    A DT 7  ? ? C4    A DT  7  ? ? 121.66 127.20 -5.54  0.60 N 
27  1 OP1   A DT 8  ? ? P     A DT 8  ? ? OP2   A DT  8  ? ? 108.20 119.60 -11.40 1.50 N 
28  1 "O5'" A DT 8  ? ? P     A DT 8  ? ? OP2   A DT  8  ? ? 119.88 110.70 9.18   1.20 N 
29  1 "O4'" A DT 8  ? ? "C1'" A DT 8  ? ? N1    A DT  8  ? ? 111.92 108.30 3.62   0.30 N 
30  1 N1    A DT 8  ? ? C2    A DT 8  ? ? N3    A DT  8  ? ? 118.65 114.60 4.05   0.60 N 
31  1 C2    A DT 8  ? ? N3    A DT 8  ? ? C4    A DT  8  ? ? 121.66 127.20 -5.54  0.60 N 
32  1 N3    A DT 8  ? ? C4    A DT 8  ? ? C5    A DT  8  ? ? 119.13 115.20 3.93   0.60 N 
33  1 N1    A DT 8  ? ? C2    A DT 8  ? ? O2    A DT  8  ? ? 118.04 123.10 -5.06  0.80 N 
34  1 "C3'" A DT 8  ? ? "O3'" A DT 8  ? ? P     A DC  9  ? ? 133.34 119.70 13.64  1.20 Y 
35  1 OP1   A DC 9  ? ? P     A DC 9  ? ? OP2   A DC  9  ? ? 107.54 119.60 -12.06 1.50 N 
36  1 "C5'" A DC 9  ? ? "C4'" A DC 9  ? ? "O4'" A DC  9  ? ? 116.43 109.80 6.63   1.10 N 
37  1 "C4'" A DC 9  ? ? "C3'" A DC 9  ? ? "C2'" A DC  9  ? ? 93.35  102.20 -8.85  0.70 N 
38  1 "O4'" A DC 9  ? ? "C1'" A DC 9  ? ? N1    A DC  9  ? ? 110.62 108.30 2.32   0.30 N 
39  1 "C3'" A DC 9  ? ? "O3'" A DC 9  ? ? P     A DG  10 ? ? 130.93 119.70 11.23  1.20 Y 
40  1 "O5'" A DG 10 ? ? P     A DG 10 ? ? OP2   A DG  10 ? ? 119.62 110.70 8.92   1.20 N 
41  1 "O5'" A DG 10 ? ? "C5'" A DG 10 ? ? "C4'" A DG  10 ? ? 103.07 109.40 -6.33  0.80 N 
42  1 "C1'" A DG 10 ? ? "O4'" A DG 10 ? ? "C4'" A DG  10 ? ? 101.60 110.10 -8.50  1.00 N 
43  1 "O4'" A DG 10 ? ? "C1'" A DG 10 ? ? "C2'" A DG  10 ? ? 98.92  105.90 -6.98  0.80 N 
44  1 C5    A DG 10 ? ? C6    A DG 10 ? ? O6    A DG  10 ? ? 123.50 128.60 -5.10  0.60 N 
45  1 OP1   A DC 11 ? ? P     A DC 11 ? ? OP2   A DC  11 ? ? 108.31 119.60 -11.29 1.50 N 
46  1 "O5'" A DC 11 ? ? P     A DC 11 ? ? OP2   A DC  11 ? ? 118.66 110.70 7.96   1.20 N 
47  1 "O4'" A DC 11 ? ? "C1'" A DC 11 ? ? N1    A DC  11 ? ? 118.73 108.30 10.43  0.30 N 
48  1 "C3'" A DC 11 ? ? "O3'" A DC 11 ? ? P     A DG  12 ? ? 132.91 119.70 13.21  1.20 Y 
49  1 "O5'" A DG 12 ? ? P     A DG 12 ? ? OP2   A DG  12 ? ? 118.35 110.70 7.65   1.20 N 
50  1 P     A DG 12 ? ? "O5'" A DG 12 ? ? "C5'" A DG  12 ? ? 130.85 120.90 9.95   1.60 N 
51  1 "C1'" A DG 12 ? ? "O4'" A DG 12 ? ? "C4'" A DG  12 ? ? 100.16 110.10 -9.94  1.00 N 
52  1 "O4'" A DG 12 ? ? "C1'" A DG 12 ? ? N9    A DG  12 ? ? 110.51 108.30 2.21   0.30 N 
53  1 C6    A DG 12 ? ? N1    A DG 12 ? ? C2    A DG  12 ? ? 120.97 125.10 -4.13  0.60 N 
54  1 C5    A DG 12 ? ? C6    A DG 12 ? ? N1    A DG  12 ? ? 115.24 111.50 3.74   0.50 N 
55  1 "O4'" B DC 13 ? ? "C4'" B DC 13 ? ? "C3'" B DC  13 ? ? 101.05 104.50 -3.45  0.40 N 
56  1 N1    B DC 13 ? ? C2    B DC 13 ? ? O2    B DC  13 ? ? 124.11 118.90 5.21   0.60 N 
57  1 "C3'" B DC 13 ? ? "O3'" B DC 13 ? ? P     B DG  14 ? ? 128.47 119.70 8.77   1.20 Y 
58  1 OP1   B DG 14 ? ? P     B DG 14 ? ? OP2   B DG  14 ? ? 109.61 119.60 -9.99  1.50 N 
59  1 "O5'" B DG 14 ? ? P     B DG 14 ? ? OP2   B DG  14 ? ? 122.30 110.70 11.60  1.20 N 
60  1 "O5'" B DG 14 ? ? "C5'" B DG 14 ? ? "C4'" B DG  14 ? ? 102.00 109.40 -7.40  0.80 N 
61  1 "O4'" B DG 14 ? ? "C1'" B DG 14 ? ? N9    B DG  14 ? ? 112.55 108.30 4.25   0.30 N 
62  1 C6    B DG 14 ? ? N1    B DG 14 ? ? C2    B DG  14 ? ? 120.19 125.10 -4.91  0.60 N 
63  1 N1    B DG 14 ? ? C2    B DG 14 ? ? N3    B DG  14 ? ? 128.17 123.90 4.27   0.60 N 
64  1 C5    B DG 14 ? ? C6    B DG 14 ? ? N1    B DG  14 ? ? 114.80 111.50 3.30   0.50 N 
65  1 "O5'" B DC 15 ? ? P     B DC 15 ? ? OP2   B DC  15 ? ? 118.44 110.70 7.74   1.20 N 
66  1 "C1'" B DC 15 ? ? "O4'" B DC 15 ? ? "C4'" B DC  15 ? ? 103.75 110.10 -6.35  1.00 N 
67  1 C2    B DC 15 ? ? N3    B DC 15 ? ? C4    B DC  15 ? ? 123.12 119.90 3.22   0.50 N 
68  1 N3    B DC 15 ? ? C4    B DC 15 ? ? C5    B DC  15 ? ? 119.30 121.90 -2.60  0.40 N 
69  1 N1    B DC 15 ? ? C2    B DC 15 ? ? O2    B DC  15 ? ? 124.03 118.90 5.13   0.60 N 
70  1 "C3'" B DC 15 ? ? "O3'" B DC 15 ? ? P     B G36 16 ? ? 109.32 119.70 -10.38 1.20 Y 
71  1 "O5'" B DA 17 ? ? "C5'" B DA 17 ? ? "C4'" B DA  17 ? ? 103.61 109.40 -5.79  0.80 N 
72  1 "O4'" B DA 17 ? ? "C1'" B DA 17 ? ? N9    B DA  17 ? ? 110.51 108.30 2.21   0.30 N 
73  1 C6    B DA 17 ? ? N1    B DA 17 ? ? C2    B DA  17 ? ? 123.26 118.60 4.66   0.60 N 
74  1 N1    B DA 17 ? ? C2    B DA 17 ? ? N3    B DA  17 ? ? 124.12 129.30 -5.18  0.50 N 
75  1 "C3'" B DA 17 ? ? "O3'" B DA 17 ? ? P     B DA  18 ? ? 108.35 119.70 -11.35 1.20 Y 
76  1 "O5'" B DA 18 ? ? P     B DA 18 ? ? OP1   B DA  18 ? ? 117.93 110.70 7.23   1.20 N 
77  1 "O5'" B DA 18 ? ? "C5'" B DA 18 ? ? "C4'" B DA  18 ? ? 103.35 109.40 -6.05  0.80 N 
78  1 "O4'" B DA 18 ? ? "C1'" B DA 18 ? ? "C2'" B DA  18 ? ? 98.45  105.90 -7.45  0.80 N 
79  1 "O4'" B DA 18 ? ? "C1'" B DA 18 ? ? N9    B DA  18 ? ? 118.51 108.30 10.21  0.30 N 
80  1 N1    B DA 18 ? ? C2    B DA 18 ? ? N3    B DA  18 ? ? 124.91 129.30 -4.39  0.50 N 
81  1 C2    B DA 18 ? ? N3    B DA 18 ? ? C4    B DA  18 ? ? 113.66 110.60 3.06   0.50 N 
82  1 C8    B DA 18 ? ? N9    B DA 18 ? ? C4    B DA  18 ? ? 103.06 105.80 -2.74  0.40 N 
83  1 "C3'" B DA 18 ? ? "O3'" B DA 18 ? ? P     B DT  19 ? ? 129.26 119.70 9.56   1.20 Y 
84  1 OP1   B DT 19 ? ? P     B DT 19 ? ? OP2   B DT  19 ? ? 108.83 119.60 -10.77 1.50 N 
85  1 "O5'" B DT 19 ? ? "C5'" B DT 19 ? ? "C4'" B DT  19 ? ? 98.61  109.40 -10.79 0.80 N 
86  1 "O4'" B DT 19 ? ? "C1'" B DT 19 ? ? N1    B DT  19 ? ? 112.76 108.30 4.46   0.30 N 
87  1 C2    B DT 19 ? ? N3    B DT 19 ? ? C4    B DT  19 ? ? 122.88 127.20 -4.32  0.60 N 
88  1 N3    B DT 19 ? ? C4    B DT 19 ? ? C5    B DT  19 ? ? 119.04 115.20 3.84   0.60 N 
89  1 C6    B DT 19 ? ? C5    B DT 19 ? ? C7    B DT  19 ? ? 126.84 122.90 3.94   0.60 N 
90  1 C6    B DT 20 ? ? N1    B DT 20 ? ? "C1'" B DT  20 ? ? 130.44 120.40 10.04  1.50 N 
91  1 "C3'" B DT 20 ? ? "O3'" B DT 20 ? ? P     B DC  21 ? ? 132.98 119.70 13.28  1.20 Y 
92  1 "O4'" B DC 21 ? ? "C4'" B DC 21 ? ? "C3'" B DC  21 ? ? 100.93 104.50 -3.57  0.40 N 
93  1 "C5'" B DC 21 ? ? "C4'" B DC 21 ? ? "C3'" B DC  21 ? ? 123.12 115.70 7.42   1.20 N 
94  1 "O4'" B DC 21 ? ? "C1'" B DC 21 ? ? N1    B DC  21 ? ? 114.31 108.30 6.01   0.30 N 
95  1 N3    B DC 21 ? ? C4    B DC 21 ? ? C5    B DC  21 ? ? 118.03 121.90 -3.87  0.40 N 
96  1 N1    B DC 21 ? ? C2    B DC 21 ? ? O2    B DC  21 ? ? 123.57 118.90 4.67   0.60 N 
97  1 N3    B DC 21 ? ? C2    B DC 21 ? ? O2    B DC  21 ? ? 116.52 121.90 -5.38  0.70 N 
98  1 C5    B DC 21 ? ? C4    B DC 21 ? ? N4    B DC  21 ? ? 124.40 120.20 4.20   0.70 N 
99  1 "C3'" B DC 21 ? ? "O3'" B DC 21 ? ? P     B DG  22 ? ? 128.68 119.70 8.98   1.20 Y 
100 1 "O5'" B DG 22 ? ? P     B DG 22 ? ? OP2   B DG  22 ? ? 118.87 110.70 8.17   1.20 N 
101 1 "C4'" B DG 22 ? ? "C3'" B DG 22 ? ? "C2'" B DG  22 ? ? 97.43  102.20 -4.77  0.70 N 
102 1 "O4'" B DG 22 ? ? "C1'" B DG 22 ? ? N9    B DG  22 ? ? 110.73 108.30 2.43   0.30 N 
103 1 N1    B DG 22 ? ? C6    B DG 22 ? ? O6    B DG  22 ? ? 115.08 119.90 -4.82  0.60 N 
104 1 "O3'" B DG 22 ? ? P     B DC 23 ? ? OP1   B DC  23 ? ? 117.95 110.50 7.45   1.10 Y 
105 1 N3    B DC 23 ? ? C2    B DC 23 ? ? O2    B DC  23 ? ? 117.57 121.90 -4.33  0.70 N 
106 1 OP1   B DG 24 ? ? P     B DG 24 ? ? OP2   B DG  24 ? ? 110.60 119.60 -9.00  1.50 N 
107 1 "O5'" B DG 24 ? ? P     B DG 24 ? ? OP1   B DG  24 ? ? 119.64 110.70 8.94   1.20 N 
108 1 C6    B DG 24 ? ? N1    B DG 24 ? ? C2    B DG  24 ? ? 121.25 125.10 -3.85  0.60 N 
109 1 C5    B DG 24 ? ? C6    B DG 24 ? ? N1    B DG  24 ? ? 115.31 111.50 3.81   0.50 N 
110 1 C5    B DG 24 ? ? C6    B DG 24 ? ? O6    B DG  24 ? ? 123.99 128.60 -4.61  0.60 N 
# 
loop_
_pdbx_struct_mod_residue.id 
_pdbx_struct_mod_residue.label_asym_id 
_pdbx_struct_mod_residue.label_comp_id 
_pdbx_struct_mod_residue.label_seq_id 
_pdbx_struct_mod_residue.auth_asym_id 
_pdbx_struct_mod_residue.auth_comp_id 
_pdbx_struct_mod_residue.auth_seq_id 
_pdbx_struct_mod_residue.PDB_ins_code 
_pdbx_struct_mod_residue.parent_comp_id 
_pdbx_struct_mod_residue.details 
1 A G36 4 A G36 4  ? DG ? 
2 B G36 4 B G36 16 ? DG ? 
# 
_struct_site_keywords.site_id   1 
_struct_site_keywords.text      'MINOR GROOVE BINDER' 
# 
loop_
_refine_B_iso.class 
_refine_B_iso.details 
_refine_B_iso.treatment 
_refine_B_iso.pdbx_refine_id 
'ALL ATOMS'  TR isotropic 'X-RAY DIFFRACTION' 
'ALL WATERS' TR isotropic 'X-RAY DIFFRACTION' 
# 
loop_
_refine_occupancy.class 
_refine_occupancy.treatment 
_refine_occupancy.pdbx_refine_id 
'ALL ATOMS'  fix 'X-RAY DIFFRACTION' 
'ALL WATERS' fix 'X-RAY DIFFRACTION' 
# 
loop_
_chem_comp_atom.comp_id 
_chem_comp_atom.atom_id 
_chem_comp_atom.type_symbol 
_chem_comp_atom.pdbx_aromatic_flag 
_chem_comp_atom.pdbx_stereo_config 
_chem_comp_atom.pdbx_ordinal 
DA  OP3    O N N 1   
DA  P      P N N 2   
DA  OP1    O N N 3   
DA  OP2    O N N 4   
DA  "O5'"  O N N 5   
DA  "C5'"  C N N 6   
DA  "C4'"  C N R 7   
DA  "O4'"  O N N 8   
DA  "C3'"  C N S 9   
DA  "O3'"  O N N 10  
DA  "C2'"  C N N 11  
DA  "C1'"  C N R 12  
DA  N9     N Y N 13  
DA  C8     C Y N 14  
DA  N7     N Y N 15  
DA  C5     C Y N 16  
DA  C6     C Y N 17  
DA  N6     N N N 18  
DA  N1     N Y N 19  
DA  C2     C Y N 20  
DA  N3     N Y N 21  
DA  C4     C Y N 22  
DA  HOP3   H N N 23  
DA  HOP2   H N N 24  
DA  "H5'"  H N N 25  
DA  "H5''" H N N 26  
DA  "H4'"  H N N 27  
DA  "H3'"  H N N 28  
DA  "HO3'" H N N 29  
DA  "H2'"  H N N 30  
DA  "H2''" H N N 31  
DA  "H1'"  H N N 32  
DA  H8     H N N 33  
DA  H61    H N N 34  
DA  H62    H N N 35  
DA  H2     H N N 36  
DC  OP3    O N N 37  
DC  P      P N N 38  
DC  OP1    O N N 39  
DC  OP2    O N N 40  
DC  "O5'"  O N N 41  
DC  "C5'"  C N N 42  
DC  "C4'"  C N R 43  
DC  "O4'"  O N N 44  
DC  "C3'"  C N S 45  
DC  "O3'"  O N N 46  
DC  "C2'"  C N N 47  
DC  "C1'"  C N R 48  
DC  N1     N N N 49  
DC  C2     C N N 50  
DC  O2     O N N 51  
DC  N3     N N N 52  
DC  C4     C N N 53  
DC  N4     N N N 54  
DC  C5     C N N 55  
DC  C6     C N N 56  
DC  HOP3   H N N 57  
DC  HOP2   H N N 58  
DC  "H5'"  H N N 59  
DC  "H5''" H N N 60  
DC  "H4'"  H N N 61  
DC  "H3'"  H N N 62  
DC  "HO3'" H N N 63  
DC  "H2'"  H N N 64  
DC  "H2''" H N N 65  
DC  "H1'"  H N N 66  
DC  H41    H N N 67  
DC  H42    H N N 68  
DC  H5     H N N 69  
DC  H6     H N N 70  
DG  OP3    O N N 71  
DG  P      P N N 72  
DG  OP1    O N N 73  
DG  OP2    O N N 74  
DG  "O5'"  O N N 75  
DG  "C5'"  C N N 76  
DG  "C4'"  C N R 77  
DG  "O4'"  O N N 78  
DG  "C3'"  C N S 79  
DG  "O3'"  O N N 80  
DG  "C2'"  C N N 81  
DG  "C1'"  C N R 82  
DG  N9     N Y N 83  
DG  C8     C Y N 84  
DG  N7     N Y N 85  
DG  C5     C Y N 86  
DG  C6     C N N 87  
DG  O6     O N N 88  
DG  N1     N N N 89  
DG  C2     C N N 90  
DG  N2     N N N 91  
DG  N3     N N N 92  
DG  C4     C Y N 93  
DG  HOP3   H N N 94  
DG  HOP2   H N N 95  
DG  "H5'"  H N N 96  
DG  "H5''" H N N 97  
DG  "H4'"  H N N 98  
DG  "H3'"  H N N 99  
DG  "HO3'" H N N 100 
DG  "H2'"  H N N 101 
DG  "H2''" H N N 102 
DG  "H1'"  H N N 103 
DG  H8     H N N 104 
DG  H1     H N N 105 
DG  H21    H N N 106 
DG  H22    H N N 107 
DT  OP3    O N N 108 
DT  P      P N N 109 
DT  OP1    O N N 110 
DT  OP2    O N N 111 
DT  "O5'"  O N N 112 
DT  "C5'"  C N N 113 
DT  "C4'"  C N R 114 
DT  "O4'"  O N N 115 
DT  "C3'"  C N S 116 
DT  "O3'"  O N N 117 
DT  "C2'"  C N N 118 
DT  "C1'"  C N R 119 
DT  N1     N N N 120 
DT  C2     C N N 121 
DT  O2     O N N 122 
DT  N3     N N N 123 
DT  C4     C N N 124 
DT  O4     O N N 125 
DT  C5     C N N 126 
DT  C7     C N N 127 
DT  C6     C N N 128 
DT  HOP3   H N N 129 
DT  HOP2   H N N 130 
DT  "H5'"  H N N 131 
DT  "H5''" H N N 132 
DT  "H4'"  H N N 133 
DT  "H3'"  H N N 134 
DT  "HO3'" H N N 135 
DT  "H2'"  H N N 136 
DT  "H2''" H N N 137 
DT  "H1'"  H N N 138 
DT  H3     H N N 139 
DT  H71    H N N 140 
DT  H72    H N N 141 
DT  H73    H N N 142 
DT  H6     H N N 143 
G36 P      P N N 144 
G36 O1P    O N N 145 
G36 O2P    O N N 146 
G36 O3P    O N N 147 
G36 "O5'"  O N N 148 
G36 "C5'"  C N N 149 
G36 "C4'"  C N R 150 
G36 "O4'"  O N N 151 
G36 "C3'"  C N S 152 
G36 "O3'"  O N N 153 
G36 "C2'"  C N N 154 
G36 CM2    C N N 155 
G36 "C1'"  C N R 156 
G36 N9     N Y N 157 
G36 C8     C Y N 158 
G36 N7     N Y N 159 
G36 C5     C Y N 160 
G36 C6     C Y N 161 
G36 O6     O N N 162 
G36 N1     N Y N 163 
G36 C2     C Y N 164 
G36 N2     N N N 165 
G36 C1M    C N N 166 
G36 N3     N Y N 167 
G36 C4     C Y N 168 
G36 H2P    H N N 169 
G36 H3P    H N N 170 
G36 "H5'1" H N N 171 
G36 "H5'2" H N N 172 
G36 "H4'"  H N N 173 
G36 "H3'"  H N N 174 
G36 HA     H N N 175 
G36 "H2'1" H N N 176 
G36 "H2'2" H N N 177 
G36 HM21   H N N 178 
G36 HM22   H N N 179 
G36 HM23   H N N 180 
G36 "H1'"  H N N 181 
G36 H8     H N N 182 
G36 H2N1   H N N 183 
G36 H2N2   H N N 184 
G36 H1M1   H N N 185 
G36 H1M2   H N N 186 
HOH O      O N N 187 
HOH H1     H N N 188 
HOH H2     H N N 189 
NT  C1     C N N 190 
NT  N1     N N N 191 
NT  N2     N N N 192 
NT  N3     N N N 193 
NT  C2     C N N 194 
NT  C3     C N N 195 
NT  O1     O N N 196 
NT  N4     N N N 197 
NT  C4     C Y N 198 
NT  C5     C Y N 199 
NT  C6     C Y N 200 
NT  N5     N Y N 201 
NT  C8     C N N 202 
NT  C7     C Y N 203 
NT  C9     C N N 204 
NT  O2     O N N 205 
NT  N6     N N N 206 
NT  C10    C Y N 207 
NT  C11    C Y N 208 
NT  C12    C Y N 209 
NT  N7     N Y N 210 
NT  C14    C N N 211 
NT  C13    C Y N 212 
NT  C15    C N N 213 
NT  O3     O N N 214 
NT  N8     N N N 215 
NT  C16    C N N 216 
NT  C17    C N N 217 
NT  C18    C N N 218 
NT  N9     N N N 219 
NT  N10    N N N 220 
NT  HN1    H N N 221 
NT  HN21   H N N 222 
NT  HN22   H N N 223 
NT  HN3    H N N 224 
NT  H21    H N N 225 
NT  H22    H N N 226 
NT  HN4    H N N 227 
NT  H5     H N N 228 
NT  H81    H N N 229 
NT  H82    H N N 230 
NT  H83    H N N 231 
NT  H7     H N N 232 
NT  HN6    H N N 233 
NT  H11    H N N 234 
NT  H141   H N N 235 
NT  H142   H N N 236 
NT  H143   H N N 237 
NT  H13    H N N 238 
NT  HN8    H N N 239 
NT  H161   H N N 240 
NT  H162   H N N 241 
NT  H171   H N N 242 
NT  H172   H N N 243 
NT  HN9    H N N 244 
NT  HN01   H N N 245 
NT  HN02   H N N 246 
# 
loop_
_chem_comp_bond.comp_id 
_chem_comp_bond.atom_id_1 
_chem_comp_bond.atom_id_2 
_chem_comp_bond.value_order 
_chem_comp_bond.pdbx_aromatic_flag 
_chem_comp_bond.pdbx_stereo_config 
_chem_comp_bond.pdbx_ordinal 
DA  OP3   P      sing N N 1   
DA  OP3   HOP3   sing N N 2   
DA  P     OP1    doub N N 3   
DA  P     OP2    sing N N 4   
DA  P     "O5'"  sing N N 5   
DA  OP2   HOP2   sing N N 6   
DA  "O5'" "C5'"  sing N N 7   
DA  "C5'" "C4'"  sing N N 8   
DA  "C5'" "H5'"  sing N N 9   
DA  "C5'" "H5''" sing N N 10  
DA  "C4'" "O4'"  sing N N 11  
DA  "C4'" "C3'"  sing N N 12  
DA  "C4'" "H4'"  sing N N 13  
DA  "O4'" "C1'"  sing N N 14  
DA  "C3'" "O3'"  sing N N 15  
DA  "C3'" "C2'"  sing N N 16  
DA  "C3'" "H3'"  sing N N 17  
DA  "O3'" "HO3'" sing N N 18  
DA  "C2'" "C1'"  sing N N 19  
DA  "C2'" "H2'"  sing N N 20  
DA  "C2'" "H2''" sing N N 21  
DA  "C1'" N9     sing N N 22  
DA  "C1'" "H1'"  sing N N 23  
DA  N9    C8     sing Y N 24  
DA  N9    C4     sing Y N 25  
DA  C8    N7     doub Y N 26  
DA  C8    H8     sing N N 27  
DA  N7    C5     sing Y N 28  
DA  C5    C6     sing Y N 29  
DA  C5    C4     doub Y N 30  
DA  C6    N6     sing N N 31  
DA  C6    N1     doub Y N 32  
DA  N6    H61    sing N N 33  
DA  N6    H62    sing N N 34  
DA  N1    C2     sing Y N 35  
DA  C2    N3     doub Y N 36  
DA  C2    H2     sing N N 37  
DA  N3    C4     sing Y N 38  
DC  OP3   P      sing N N 39  
DC  OP3   HOP3   sing N N 40  
DC  P     OP1    doub N N 41  
DC  P     OP2    sing N N 42  
DC  P     "O5'"  sing N N 43  
DC  OP2   HOP2   sing N N 44  
DC  "O5'" "C5'"  sing N N 45  
DC  "C5'" "C4'"  sing N N 46  
DC  "C5'" "H5'"  sing N N 47  
DC  "C5'" "H5''" sing N N 48  
DC  "C4'" "O4'"  sing N N 49  
DC  "C4'" "C3'"  sing N N 50  
DC  "C4'" "H4'"  sing N N 51  
DC  "O4'" "C1'"  sing N N 52  
DC  "C3'" "O3'"  sing N N 53  
DC  "C3'" "C2'"  sing N N 54  
DC  "C3'" "H3'"  sing N N 55  
DC  "O3'" "HO3'" sing N N 56  
DC  "C2'" "C1'"  sing N N 57  
DC  "C2'" "H2'"  sing N N 58  
DC  "C2'" "H2''" sing N N 59  
DC  "C1'" N1     sing N N 60  
DC  "C1'" "H1'"  sing N N 61  
DC  N1    C2     sing N N 62  
DC  N1    C6     sing N N 63  
DC  C2    O2     doub N N 64  
DC  C2    N3     sing N N 65  
DC  N3    C4     doub N N 66  
DC  C4    N4     sing N N 67  
DC  C4    C5     sing N N 68  
DC  N4    H41    sing N N 69  
DC  N4    H42    sing N N 70  
DC  C5    C6     doub N N 71  
DC  C5    H5     sing N N 72  
DC  C6    H6     sing N N 73  
DG  OP3   P      sing N N 74  
DG  OP3   HOP3   sing N N 75  
DG  P     OP1    doub N N 76  
DG  P     OP2    sing N N 77  
DG  P     "O5'"  sing N N 78  
DG  OP2   HOP2   sing N N 79  
DG  "O5'" "C5'"  sing N N 80  
DG  "C5'" "C4'"  sing N N 81  
DG  "C5'" "H5'"  sing N N 82  
DG  "C5'" "H5''" sing N N 83  
DG  "C4'" "O4'"  sing N N 84  
DG  "C4'" "C3'"  sing N N 85  
DG  "C4'" "H4'"  sing N N 86  
DG  "O4'" "C1'"  sing N N 87  
DG  "C3'" "O3'"  sing N N 88  
DG  "C3'" "C2'"  sing N N 89  
DG  "C3'" "H3'"  sing N N 90  
DG  "O3'" "HO3'" sing N N 91  
DG  "C2'" "C1'"  sing N N 92  
DG  "C2'" "H2'"  sing N N 93  
DG  "C2'" "H2''" sing N N 94  
DG  "C1'" N9     sing N N 95  
DG  "C1'" "H1'"  sing N N 96  
DG  N9    C8     sing Y N 97  
DG  N9    C4     sing Y N 98  
DG  C8    N7     doub Y N 99  
DG  C8    H8     sing N N 100 
DG  N7    C5     sing Y N 101 
DG  C5    C6     sing N N 102 
DG  C5    C4     doub Y N 103 
DG  C6    O6     doub N N 104 
DG  C6    N1     sing N N 105 
DG  N1    C2     sing N N 106 
DG  N1    H1     sing N N 107 
DG  C2    N2     sing N N 108 
DG  C2    N3     doub N N 109 
DG  N2    H21    sing N N 110 
DG  N2    H22    sing N N 111 
DG  N3    C4     sing N N 112 
DT  OP3   P      sing N N 113 
DT  OP3   HOP3   sing N N 114 
DT  P     OP1    doub N N 115 
DT  P     OP2    sing N N 116 
DT  P     "O5'"  sing N N 117 
DT  OP2   HOP2   sing N N 118 
DT  "O5'" "C5'"  sing N N 119 
DT  "C5'" "C4'"  sing N N 120 
DT  "C5'" "H5'"  sing N N 121 
DT  "C5'" "H5''" sing N N 122 
DT  "C4'" "O4'"  sing N N 123 
DT  "C4'" "C3'"  sing N N 124 
DT  "C4'" "H4'"  sing N N 125 
DT  "O4'" "C1'"  sing N N 126 
DT  "C3'" "O3'"  sing N N 127 
DT  "C3'" "C2'"  sing N N 128 
DT  "C3'" "H3'"  sing N N 129 
DT  "O3'" "HO3'" sing N N 130 
DT  "C2'" "C1'"  sing N N 131 
DT  "C2'" "H2'"  sing N N 132 
DT  "C2'" "H2''" sing N N 133 
DT  "C1'" N1     sing N N 134 
DT  "C1'" "H1'"  sing N N 135 
DT  N1    C2     sing N N 136 
DT  N1    C6     sing N N 137 
DT  C2    O2     doub N N 138 
DT  C2    N3     sing N N 139 
DT  N3    C4     sing N N 140 
DT  N3    H3     sing N N 141 
DT  C4    O4     doub N N 142 
DT  C4    C5     sing N N 143 
DT  C5    C7     sing N N 144 
DT  C5    C6     doub N N 145 
DT  C7    H71    sing N N 146 
DT  C7    H72    sing N N 147 
DT  C7    H73    sing N N 148 
DT  C6    H6     sing N N 149 
G36 P     O1P    doub N N 150 
G36 P     O2P    sing N N 151 
G36 P     O3P    sing N N 152 
G36 P     "O5'"  sing N N 153 
G36 O2P   H2P    sing N N 154 
G36 O3P   H3P    sing N N 155 
G36 "O5'" "C5'"  sing N N 156 
G36 "C5'" "C4'"  sing N N 157 
G36 "C5'" "H5'1" sing N N 158 
G36 "C5'" "H5'2" sing N N 159 
G36 "C4'" "O4'"  sing N N 160 
G36 "C4'" "C3'"  sing N N 161 
G36 "C4'" "H4'"  sing N N 162 
G36 "O4'" "C1'"  sing N N 163 
G36 "C3'" "O3'"  sing N N 164 
G36 "C3'" "C2'"  sing N N 165 
G36 "C3'" "H3'"  sing N N 166 
G36 "O3'" HA     sing N N 167 
G36 "C2'" "C1'"  sing N N 168 
G36 "C2'" "H2'1" sing N N 169 
G36 "C2'" "H2'2" sing N N 170 
G36 CM2   C1M    sing N N 171 
G36 CM2   HM21   sing N N 172 
G36 CM2   HM22   sing N N 173 
G36 CM2   HM23   sing N N 174 
G36 "C1'" N9     sing N N 175 
G36 "C1'" "H1'"  sing N N 176 
G36 N9    C8     sing Y N 177 
G36 N9    C4     sing Y N 178 
G36 C8    N7     doub Y N 179 
G36 C8    H8     sing N N 180 
G36 N7    C5     sing Y N 181 
G36 C5    C6     doub Y N 182 
G36 C5    C4     sing Y N 183 
G36 C6    O6     sing N N 184 
G36 C6    N1     sing Y N 185 
G36 O6    C1M    sing N N 186 
G36 N1    C2     doub Y N 187 
G36 C2    N2     sing N N 188 
G36 C2    N3     sing Y N 189 
G36 N2    H2N1   sing N N 190 
G36 N2    H2N2   sing N N 191 
G36 C1M   H1M1   sing N N 192 
G36 C1M   H1M2   sing N N 193 
G36 N3    C4     doub Y N 194 
HOH O     H1     sing N N 195 
HOH O     H2     sing N N 196 
NT  C1    N1     doub N N 197 
NT  C1    N2     sing N N 198 
NT  C1    N3     sing N N 199 
NT  N1    HN1    sing N N 200 
NT  N2    HN21   sing N N 201 
NT  N2    HN22   sing N N 202 
NT  N3    C2     sing N N 203 
NT  N3    HN3    sing N N 204 
NT  C2    C3     sing N N 205 
NT  C2    H21    sing N N 206 
NT  C2    H22    sing N N 207 
NT  C3    O1     doub N N 208 
NT  C3    N4     sing N N 209 
NT  N4    C4     sing N N 210 
NT  N4    HN4    sing N N 211 
NT  C4    C5     sing Y N 212 
NT  C4    C7     doub Y N 213 
NT  C5    C6     doub Y N 214 
NT  C5    H5     sing N N 215 
NT  C6    N5     sing Y N 216 
NT  C6    C9     sing N N 217 
NT  N5    C8     sing N N 218 
NT  N5    C7     sing Y N 219 
NT  C8    H81    sing N N 220 
NT  C8    H82    sing N N 221 
NT  C8    H83    sing N N 222 
NT  C7    H7     sing N N 223 
NT  C9    O2     doub N N 224 
NT  C9    N6     sing N N 225 
NT  N6    C10    sing N N 226 
NT  N6    HN6    sing N N 227 
NT  C10   C11    sing Y N 228 
NT  C10   C13    doub Y N 229 
NT  C11   C12    doub Y N 230 
NT  C11   H11    sing N N 231 
NT  C12   N7     sing Y N 232 
NT  C12   C15    sing N N 233 
NT  N7    C14    sing N N 234 
NT  N7    C13    sing Y N 235 
NT  C14   H141   sing N N 236 
NT  C14   H142   sing N N 237 
NT  C14   H143   sing N N 238 
NT  C13   H13    sing N N 239 
NT  C15   O3     doub N N 240 
NT  C15   N8     sing N N 241 
NT  N8    C16    sing N N 242 
NT  N8    HN8    sing N N 243 
NT  C16   C17    sing N N 244 
NT  C16   H161   sing N N 245 
NT  C16   H162   sing N N 246 
NT  C17   C18    sing N N 247 
NT  C17   H171   sing N N 248 
NT  C17   H172   sing N N 249 
NT  C18   N9     doub N N 250 
NT  C18   N10    sing N N 251 
NT  N9    HN9    sing N N 252 
NT  N10   HN01   sing N N 253 
NT  N10   HN02   sing N N 254 
# 
loop_
_ndb_struct_conf_na.entry_id 
_ndb_struct_conf_na.feature 
1D85 'double helix'        
1D85 'b-form double helix' 
# 
loop_
_ndb_struct_na_base_pair.model_number 
_ndb_struct_na_base_pair.i_label_asym_id 
_ndb_struct_na_base_pair.i_label_comp_id 
_ndb_struct_na_base_pair.i_label_seq_id 
_ndb_struct_na_base_pair.i_symmetry 
_ndb_struct_na_base_pair.j_label_asym_id 
_ndb_struct_na_base_pair.j_label_comp_id 
_ndb_struct_na_base_pair.j_label_seq_id 
_ndb_struct_na_base_pair.j_symmetry 
_ndb_struct_na_base_pair.shear 
_ndb_struct_na_base_pair.stretch 
_ndb_struct_na_base_pair.stagger 
_ndb_struct_na_base_pair.buckle 
_ndb_struct_na_base_pair.propeller 
_ndb_struct_na_base_pair.opening 
_ndb_struct_na_base_pair.pair_number 
_ndb_struct_na_base_pair.pair_name 
_ndb_struct_na_base_pair.i_auth_asym_id 
_ndb_struct_na_base_pair.i_auth_seq_id 
_ndb_struct_na_base_pair.i_PDB_ins_code 
_ndb_struct_na_base_pair.j_auth_asym_id 
_ndb_struct_na_base_pair.j_auth_seq_id 
_ndb_struct_na_base_pair.j_PDB_ins_code 
_ndb_struct_na_base_pair.hbond_type_28 
_ndb_struct_na_base_pair.hbond_type_12 
1 A DC  1  1_555 B DG  12 1_555 0.068  -0.097 -0.059 17.676 3.734   -5.163 1  A_DC1:DG24_B  A 1  ? B 24 ? 19 1 
1 A DG  2  1_555 B DC  11 1_555 0.252  -0.017 -0.082 4.283  -8.557  -2.530 2  A_DG2:DC23_B  A 2  ? B 23 ? 19 1 
1 A DC  3  1_555 B DG  10 1_555 -0.323 -0.128 0.035  -2.222 -4.893  0.282  3  A_DC3:DG22_B  A 3  ? B 22 ? 19 1 
1 A G36 4  1_555 B DC  9  1_555 1.234  0.359  0.225  18.801 -5.156  10.748 4  A_G364:DC21_B A 4  ? B 21 ? ?  1 
1 A DA  5  1_555 B DT  8  1_555 -0.390 -0.291 0.275  -2.958 -5.112  5.899  5  A_DA5:DT20_B  A 5  ? B 20 ? 20 1 
1 A DA  6  1_555 B DT  7  1_555 -0.254 -0.156 0.545  14.470 -17.930 -4.818 6  A_DA6:DT19_B  A 6  ? B 19 ? 20 1 
1 A DT  7  1_555 B DA  6  1_555 -0.532 -0.209 -0.185 -6.125 -15.481 -4.355 7  A_DT7:DA18_B  A 7  ? B 18 ? 20 1 
1 A DT  8  1_555 B DA  5  1_555 -0.195 -0.249 0.592  -5.905 -6.401  11.396 8  A_DT8:DA17_B  A 8  ? B 17 ? 20 1 
1 A DC  9  1_555 B G36 4  1_555 -2.383 0.192  -0.337 8.369  -5.971  2.058  9  A_DC9:G3616_B A 9  ? B 16 ? ?  ? 
1 A DG  10 1_555 B DC  3  1_555 0.070  -0.183 0.117  2.875  -8.943  -1.515 10 A_DG10:DC15_B A 10 ? B 15 ? 19 1 
1 A DC  11 1_555 B DG  2  1_555 0.276  -0.244 1.038  -9.276 -5.969  -5.842 11 A_DC11:DG14_B A 11 ? B 14 ? 19 1 
1 A DG  12 1_555 B DC  1  1_555 -0.049 -0.100 0.019  -4.955 -9.409  -4.407 12 A_DG12:DC13_B A 12 ? B 13 ? 19 1 
# 
loop_
_ndb_struct_na_base_pair_step.model_number 
_ndb_struct_na_base_pair_step.i_label_asym_id_1 
_ndb_struct_na_base_pair_step.i_label_comp_id_1 
_ndb_struct_na_base_pair_step.i_label_seq_id_1 
_ndb_struct_na_base_pair_step.i_symmetry_1 
_ndb_struct_na_base_pair_step.j_label_asym_id_1 
_ndb_struct_na_base_pair_step.j_label_comp_id_1 
_ndb_struct_na_base_pair_step.j_label_seq_id_1 
_ndb_struct_na_base_pair_step.j_symmetry_1 
_ndb_struct_na_base_pair_step.i_label_asym_id_2 
_ndb_struct_na_base_pair_step.i_label_comp_id_2 
_ndb_struct_na_base_pair_step.i_label_seq_id_2 
_ndb_struct_na_base_pair_step.i_symmetry_2 
_ndb_struct_na_base_pair_step.j_label_asym_id_2 
_ndb_struct_na_base_pair_step.j_label_comp_id_2 
_ndb_struct_na_base_pair_step.j_label_seq_id_2 
_ndb_struct_na_base_pair_step.j_symmetry_2 
_ndb_struct_na_base_pair_step.shift 
_ndb_struct_na_base_pair_step.slide 
_ndb_struct_na_base_pair_step.rise 
_ndb_struct_na_base_pair_step.tilt 
_ndb_struct_na_base_pair_step.roll 
_ndb_struct_na_base_pair_step.twist 
_ndb_struct_na_base_pair_step.x_displacement 
_ndb_struct_na_base_pair_step.y_displacement 
_ndb_struct_na_base_pair_step.helical_rise 
_ndb_struct_na_base_pair_step.inclination 
_ndb_struct_na_base_pair_step.tip 
_ndb_struct_na_base_pair_step.helical_twist 
_ndb_struct_na_base_pair_step.step_number 
_ndb_struct_na_base_pair_step.step_name 
_ndb_struct_na_base_pair_step.i_auth_asym_id_1 
_ndb_struct_na_base_pair_step.i_auth_seq_id_1 
_ndb_struct_na_base_pair_step.i_PDB_ins_code_1 
_ndb_struct_na_base_pair_step.j_auth_asym_id_1 
_ndb_struct_na_base_pair_step.j_auth_seq_id_1 
_ndb_struct_na_base_pair_step.j_PDB_ins_code_1 
_ndb_struct_na_base_pair_step.i_auth_asym_id_2 
_ndb_struct_na_base_pair_step.i_auth_seq_id_2 
_ndb_struct_na_base_pair_step.i_PDB_ins_code_2 
_ndb_struct_na_base_pair_step.j_auth_asym_id_2 
_ndb_struct_na_base_pair_step.j_auth_seq_id_2 
_ndb_struct_na_base_pair_step.j_PDB_ins_code_2 
1 A DC  1  1_555 B DG  12 1_555 A DG  2  1_555 B DC  11 1_555 -1.004 0.496  3.912 -5.694 5.245   37.285 -0.058 0.650  4.047 8.096 
8.790   38.052 1  AA_DC1DG2:DC23DG24_BB   A 1  ? B 24 ? A 2  ? B 23 ? 
1 A DG  2  1_555 B DC  11 1_555 A DC  3  1_555 B DG  10 1_555 1.048  0.356  3.564 2.285  -2.524  39.203 0.856  -1.260 3.588 -3.754 
-3.397  39.345 2  AA_DG2DC3:DG22DC23_BB   A 2  ? B 23 ? A 3  ? B 22 ? 
1 A DC  3  1_555 B DG  10 1_555 A G36 4  1_555 B DC  9  1_555 0.435  1.113  3.121 -2.580 0.009   31.431 2.046  -1.255 3.077 0.017 
4.752   31.534 3  AA_DC3G364:DC21DG22_BB  A 3  ? B 22 ? A 4  ? B 21 ? 
1 A G36 4  1_555 B DC  9  1_555 A DA  5  1_555 B DT  8  1_555 -0.354 0.228  3.749 -3.144 4.509   37.097 -0.327 0.075  3.766 7.040 
4.909   37.488 4  AA_G364DA5:DT20DC21_BB  A 4  ? B 21 ? A 5  ? B 20 ? 
1 A DA  5  1_555 B DT  8  1_555 A DA  6  1_555 B DT  7  1_555 -0.316 -0.282 2.831 -2.251 -7.670  34.060 0.549  0.227  2.840 
-12.875 3.779   34.958 5  AA_DA5DA6:DT19DT20_BB   A 5  ? B 20 ? A 6  ? B 19 ? 
1 A DA  6  1_555 B DT  7  1_555 A DT  7  1_555 B DA  6  1_555 0.372  -0.004 3.798 7.909  2.355   38.140 -0.340 0.565  3.790 3.553 
-11.933 38.990 6  AA_DA6DT7:DA18DT19_BB   A 6  ? B 19 ? A 7  ? B 18 ? 
1 A DT  7  1_555 B DA  6  1_555 A DT  8  1_555 B DA  5  1_555 0.131  -0.377 3.523 -4.812 -2.892  27.095 -0.032 -1.535 3.468 -6.089 
10.133  27.660 7  AA_DT7DT8:DA17DA18_BB   A 7  ? B 18 ? A 8  ? B 17 ? 
1 A DT  8  1_555 B DA  5  1_555 A DC  9  1_555 B G36 4  1_555 -0.598 -0.148 2.702 5.559  4.759   29.667 -1.044 2.026  2.498 9.120 
-10.653 30.536 8  AA_DT8DC9:G3616DA17_BB  A 8  ? B 17 ? A 9  ? B 16 ? 
1 A DC  9  1_555 B G36 4  1_555 A DG  10 1_555 B DC  3  1_555 -0.171 1.897  3.798 -9.229 -0.083  49.720 2.230  -0.564 3.768 -0.098 
10.868  50.516 9  AA_DC9DG10:DC15G3616_BB A 9  ? B 16 ? A 10 ? B 15 ? 
1 A DG  10 1_555 B DC  3  1_555 A DC  11 1_555 B DG  2  1_555 -1.254 -0.038 3.880 -8.093 -12.374 31.087 2.339  0.551  3.823 
-21.621 14.142  34.346 10 AA_DG10DC11:DG14DC15_BB A 10 ? B 15 ? A 11 ? B 14 ? 
1 A DC  11 1_555 B DG  2  1_555 A DG  12 1_555 B DC  1  1_555 0.813  0.495  3.280 11.981 1.028   38.881 0.593  0.219  3.387 1.502 
-17.497 40.629 11 AA_DC11DG12:DC13DG14_BB A 11 ? B 14 ? A 12 ? B 13 ? 
# 
_atom_sites.entry_id                    1D85 
_atom_sites.fract_transf_matrix[1][1]   0.02281361 
_atom_sites.fract_transf_matrix[1][2]   0.03111653 
_atom_sites.fract_transf_matrix[1][3]   -0.00737934 
_atom_sites.fract_transf_matrix[2][1]   -0.01231829 
_atom_sites.fract_transf_matrix[2][2]   0.00415827 
_atom_sites.fract_transf_matrix[2][3]   -0.02054839 
_atom_sites.fract_transf_matrix[3][1]   -0.00949956 
_atom_sites.fract_transf_matrix[3][2]   0.00873446 
_atom_sites.fract_transf_matrix[3][3]   0.00746232 
_atom_sites.fract_transf_vector[1]      0.585269 
_atom_sites.fract_transf_vector[2]      0.523754 
_atom_sites.fract_transf_vector[3]      0.126699 
# 
loop_
_atom_type.symbol 
C 
N 
O 
P 
# 
loop_
_atom_site.group_PDB 
_atom_site.id 
_atom_site.type_symbol 
_atom_site.label_atom_id 
_atom_site.label_alt_id 
_atom_site.label_comp_id 
_atom_site.label_asym_id 
_atom_site.label_entity_id 
_atom_site.label_seq_id 
_atom_site.pdbx_PDB_ins_code 
_atom_site.Cartn_x 
_atom_site.Cartn_y 
_atom_site.Cartn_z 
_atom_site.occupancy 
_atom_site.B_iso_or_equiv 
_atom_site.pdbx_formal_charge 
_atom_site.auth_seq_id 
_atom_site.auth_comp_id 
_atom_site.auth_asym_id 
_atom_site.auth_atom_id 
_atom_site.pdbx_PDB_model_num 
ATOM   1   O "O5'" . DC  A 1 1  ? -14.915 16.066  -3.194  1.00 3.75  ? 1   DC  A "O5'" 1 
ATOM   2   C "C5'" . DC  A 1 1  ? -14.702 15.238  -2.004  1.00 3.68  ? 1   DC  A "C5'" 1 
ATOM   3   C "C4'" . DC  A 1 1  ? -13.193 15.154  -1.889  1.00 3.64  ? 1   DC  A "C4'" 1 
ATOM   4   O "O4'" . DC  A 1 1  ? -12.799 14.821  -0.543  1.00 3.64  ? 1   DC  A "O4'" 1 
ATOM   5   C "C3'" . DC  A 1 1  ? -12.487 14.100  -2.731  1.00 3.59  ? 1   DC  A "C3'" 1 
ATOM   6   O "O3'" . DC  A 1 1  ? -11.106 14.406  -2.791  1.00 3.55  ? 1   DC  A "O3'" 1 
ATOM   7   C "C2'" . DC  A 1 1  ? -12.773 12.864  -1.904  1.00 3.60  ? 1   DC  A "C2'" 1 
ATOM   8   C "C1'" . DC  A 1 1  ? -12.485 13.382  -0.522  1.00 3.60  ? 1   DC  A "C1'" 1 
ATOM   9   N N1    . DC  A 1 1  ? -13.248 12.738  0.560   1.00 3.57  ? 1   DC  A N1    1 
ATOM   10  C C2    . DC  A 1 1  ? -12.936 13.149  1.843   1.00 3.58  ? 1   DC  A C2    1 
ATOM   11  O O2    . DC  A 1 1  ? -12.141 14.047  2.112   1.00 3.62  ? 1   DC  A O2    1 
ATOM   12  N N3    . DC  A 1 1  ? -13.578 12.546  2.884   1.00 3.60  ? 1   DC  A N3    1 
ATOM   13  C C4    . DC  A 1 1  ? -14.514 11.594  2.674   1.00 3.61  ? 1   DC  A C4    1 
ATOM   14  N N4    . DC  A 1 1  ? -15.116 11.081  3.754   1.00 3.65  ? 1   DC  A N4    1 
ATOM   15  C C5    . DC  A 1 1  ? -14.794 11.138  1.362   1.00 3.60  ? 1   DC  A C5    1 
ATOM   16  C C6    . DC  A 1 1  ? -14.135 11.736  0.363   1.00 3.58  ? 1   DC  A C6    1 
ATOM   17  P P     . DG  A 1 2  ? -10.670 15.668  -3.795  1.00 3.83  ? 2   DG  A P     1 
ATOM   18  O OP1   . DG  A 1 2  ? -11.638 16.767  -3.674  1.00 3.54  ? 2   DG  A OP1   1 
ATOM   19  O OP2   . DG  A 1 2  ? -10.660 14.945  -5.067  1.00 3.49  ? 2   DG  A OP2   1 
ATOM   20  O "O5'" . DG  A 1 2  ? -9.250  16.066  -3.163  1.00 3.52  ? 2   DG  A "O5'" 1 
ATOM   21  C "C5'" . DG  A 1 2  ? -8.920  15.280  -1.944  1.00 3.51  ? 2   DG  A "C5'" 1 
ATOM   22  C "C4'" . DG  A 1 2  ? -7.789  15.903  -1.220  1.00 3.50  ? 2   DG  A "C4'" 1 
ATOM   23  O "O4'" . DG  A 1 2  ? -7.912  15.644  0.158   1.00 3.45  ? 2   DG  A "O4'" 1 
ATOM   24  C "C3'" . DG  A 1 2  ? -6.372  15.324  -1.511  1.00 3.52  ? 2   DG  A "C3'" 1 
ATOM   25  O "O3'" . DG  A 1 2  ? -5.392  16.268  -1.196  1.00 3.64  ? 2   DG  A "O3'" 1 
ATOM   26  C "C2'" . DG  A 1 2  ? -6.440  14.048  -0.682  1.00 3.46  ? 2   DG  A "C2'" 1 
ATOM   27  C "C1'" . DG  A 1 2  ? -7.382  14.380  0.465   1.00 3.40  ? 2   DG  A "C1'" 1 
ATOM   28  N N9    . DG  A 1 2  ? -8.419  13.336  0.661   1.00 3.34  ? 2   DG  A N9    1 
ATOM   29  C C8    . DG  A 1 2  ? -9.211  12.697  -0.214  1.00 3.32  ? 2   DG  A C8    1 
ATOM   30  N N7    . DG  A 1 2  ? -10.014 11.759  0.301   1.00 3.27  ? 2   DG  A N7    1 
ATOM   31  C C5    . DG  A 1 2  ? -9.701  11.837  1.642   1.00 3.30  ? 2   DG  A C5    1 
ATOM   32  C C6    . DG  A 1 2  ? -10.195 11.099  2.748   1.00 3.31  ? 2   DG  A C6    1 
ATOM   33  O O6    . DG  A 1 2  ? -11.062 10.218  2.716   1.00 3.37  ? 2   DG  A O6    1 
ATOM   34  N N1    . DG  A 1 2  ? -9.645  11.425  3.978   1.00 3.33  ? 2   DG  A N1    1 
ATOM   35  C C2    . DG  A 1 2  ? -8.679  12.371  4.073   1.00 3.29  ? 2   DG  A C2    1 
ATOM   36  N N2    . DG  A 1 2  ? -8.231  12.541  5.343   1.00 3.33  ? 2   DG  A N2    1 
ATOM   37  N N3    . DG  A 1 2  ? -8.153  13.081  3.079   1.00 3.29  ? 2   DG  A N3    1 
ATOM   38  C C4    . DG  A 1 2  ? -8.694  12.756  1.888   1.00 3.31  ? 2   DG  A C4    1 
ATOM   39  P P     . DC  A 1 3  ? -3.798  16.004  -1.281  1.00 5.02  ? 3   DC  A P     1 
ATOM   40  O OP1   . DC  A 1 3  ? -3.113  17.267  -1.782  1.00 4.78  ? 3   DC  A OP1   1 
ATOM   41  O OP2   . DC  A 1 3  ? -3.758  14.849  -2.225  1.00 4.75  ? 3   DC  A OP2   1 
ATOM   42  O "O5'" . DC  A 1 3  ? -3.309  15.684  0.195   1.00 4.99  ? 3   DC  A "O5'" 1 
ATOM   43  C "C5'" . DC  A 1 3  ? -3.971  14.588  0.892   1.00 5.13  ? 3   DC  A "C5'" 1 
ATOM   44  C "C4'" . DC  A 1 3  ? -3.308  14.290  2.220   1.00 5.18  ? 3   DC  A "C4'" 1 
ATOM   45  O "O4'" . DC  A 1 3  ? -4.208  13.495  3.022   1.00 5.22  ? 3   DC  A "O4'" 1 
ATOM   46  C "C3'" . DC  A 1 3  ? -2.055  13.455  2.190   1.00 5.22  ? 3   DC  A "C3'" 1 
ATOM   47  O "O3'" . DC  A 1 3  ? -1.200  13.501  3.347   1.00 5.20  ? 3   DC  A "O3'" 1 
ATOM   48  C "C2'" . DC  A 1 3  ? -2.628  12.025  2.050   1.00 5.23  ? 3   DC  A "C2'" 1 
ATOM   49  C "C1'" . DC  A 1 3  ? -3.932  12.121  2.865   1.00 5.21  ? 3   DC  A "C1'" 1 
ATOM   50  N N1    . DC  A 1 3  ? -4.923  11.339  2.114   1.00 5.21  ? 3   DC  A N1    1 
ATOM   51  C C2    . DC  A 1 3  ? -5.672  10.438  2.858   1.00 5.24  ? 3   DC  A C2    1 
ATOM   52  O O2    . DC  A 1 3  ? -5.582  10.424  4.091   1.00 5.27  ? 3   DC  A O2    1 
ATOM   53  N N3    . DC  A 1 3  ? -6.609  9.662   2.187   1.00 5.24  ? 3   DC  A N3    1 
ATOM   54  C C4    . DC  A 1 3  ? -6.753  9.737   0.857   1.00 5.21  ? 3   DC  A C4    1 
ATOM   55  N N4    . DC  A 1 3  ? -7.641  8.919   0.255   1.00 5.25  ? 3   DC  A N4    1 
ATOM   56  C C5    . DC  A 1 3  ? -5.962  10.619  0.108   1.00 5.22  ? 3   DC  A C5    1 
ATOM   57  C C6    . DC  A 1 3  ? -5.079  11.382  0.781   1.00 5.21  ? 3   DC  A C6    1 
HETATM 58  P P     . G36 A 1 4  ? 0.361   13.035  3.091   1.00 5.75  ? 4   G36 A P     1 
HETATM 59  O O1P   . G36 A 1 4  ? 1.137   14.122  2.553   1.00 5.21  ? 4   G36 A O1P   1 
HETATM 60  O O2P   . G36 A 1 4  ? 0.207   11.806  2.190   1.00 5.28  ? 4   G36 A O2P   1 
HETATM 61  O "O5'" . G36 A 1 4  ? 0.746   12.554  4.587   1.00 5.89  ? 4   G36 A "O5'" 1 
HETATM 62  C "C5'" . G36 A 1 4  ? -0.333  12.351  5.460   1.00 5.92  ? 4   G36 A "C5'" 1 
HETATM 63  C "C4'" . G36 A 1 4  ? -0.465  10.916  5.848   1.00 5.95  ? 4   G36 A "C4'" 1 
HETATM 64  O "O4'" . G36 A 1 4  ? -1.483  10.284  5.104   1.00 5.94  ? 4   G36 A "O4'" 1 
HETATM 65  C "C3'" . G36 A 1 4  ? 0.753   10.011  5.709   1.00 5.97  ? 4   G36 A "C3'" 1 
HETATM 66  O "O3'" . G36 A 1 4  ? 0.705   9.103   6.818   1.00 6.02  ? 4   G36 A "O3'" 1 
HETATM 67  C "C2'" . G36 A 1 4  ? 0.505   9.321   4.365   1.00 5.97  ? 4   G36 A "C2'" 1 
HETATM 68  C CM2   . G36 A 1 4  ? -2.925  9.362   -1.430  1.00 5.81  ? 4   G36 A CM2   1 
HETATM 69  C "C1'" . G36 A 1 4  ? -1.012  9.120   4.440   1.00 5.93  ? 4   G36 A "C1'" 1 
HETATM 70  N N9    . G36 A 1 4  ? -1.594  8.955   3.101   1.00 5.94  ? 4   G36 A N9    1 
HETATM 71  C C8    . G36 A 1 4  ? -1.150  9.455   1.874   1.00 5.92  ? 4   G36 A C8    1 
HETATM 72  N N7    . G36 A 1 4  ? -1.902  9.085   0.868   1.00 5.89  ? 4   G36 A N7    1 
HETATM 73  C C5    . G36 A 1 4  ? -2.912  8.310   1.454   1.00 5.89  ? 4   G36 A C5    1 
HETATM 74  C C6    . G36 A 1 4  ? -4.019  7.617   0.897   1.00 5.88  ? 4   G36 A C6    1 
HETATM 75  O O6    . G36 A 1 4  ? -4.348  7.605   -0.433  1.00 5.87  ? 4   G36 A O6    1 
HETATM 76  N N1    . G36 A 1 4  ? -4.761  6.900   1.770   1.00 5.84  ? 4   G36 A N1    1 
HETATM 77  C C2    . G36 A 1 4  ? -4.513  6.890   3.114   1.00 5.86  ? 4   G36 A C2    1 
HETATM 78  N N2    . G36 A 1 4  ? -5.390  6.187   3.867   1.00 5.80  ? 4   G36 A N2    1 
HETATM 79  C C1M   . G36 A 1 4  ? -4.244  8.653   -1.260  1.00 5.86  ? 4   G36 A C1M   1 
HETATM 80  N N3    . G36 A 1 4  ? -3.498  7.528   3.700   1.00 5.87  ? 4   G36 A N3    1 
HETATM 81  C C4    . G36 A 1 4  ? -2.750  8.218   2.813   1.00 5.91  ? 4   G36 A C4    1 
ATOM   82  P P     . DA  A 1 5  ? 1.933   8.272   7.331   1.00 6.22  ? 5   DA  A P     1 
ATOM   83  O OP1   . DA  A 1 5  ? 2.767   9.101   8.279   1.00 6.51  ? 5   DA  A OP1   1 
ATOM   84  O OP2   . DA  A 1 5  ? 2.725   7.926   6.065   1.00 6.14  ? 5   DA  A OP2   1 
ATOM   85  O "O5'" . DA  A 1 5  ? 1.360   6.950   7.990   1.00 6.13  ? 5   DA  A "O5'" 1 
ATOM   86  C "C5'" . DA  A 1 5  ? 0.419   7.051   9.111   1.00 6.07  ? 5   DA  A "C5'" 1 
ATOM   87  C "C4'" . DA  A 1 5  ? -0.482  5.844   8.920   1.00 6.04  ? 5   DA  A "C4'" 1 
ATOM   88  O "O4'" . DA  A 1 5  ? -1.144  5.882   7.645   1.00 6.04  ? 5   DA  A "O4'" 1 
ATOM   89  C "C3'" . DA  A 1 5  ? 0.261   4.545   8.936   1.00 6.02  ? 5   DA  A "C3'" 1 
ATOM   90  O "O3'" . DA  A 1 5  ? -0.545  3.455   9.399   1.00 5.99  ? 5   DA  A "O3'" 1 
ATOM   91  C "C2'" . DA  A 1 5  ? 0.564   4.354   7.441   1.00 6.04  ? 5   DA  A "C2'" 1 
ATOM   92  C "C1'" . DA  A 1 5  ? -0.838  4.655   6.912   1.00 6.00  ? 5   DA  A "C1'" 1 
ATOM   93  N N9    . DA  A 1 5  ? -0.841  4.923   5.483   1.00 6.00  ? 5   DA  A N9    1 
ATOM   94  C C8    . DA  A 1 5  ? -0.062  5.938   4.896   1.00 6.00  ? 5   DA  A C8    1 
ATOM   95  N N7    . DA  A 1 5  ? -0.234  6.033   3.602   1.00 5.97  ? 5   DA  A N7    1 
ATOM   96  C C5    . DA  A 1 5  ? -1.170  5.042   3.315   1.00 5.99  ? 5   DA  A C5    1 
ATOM   97  C C6    . DA  A 1 5  ? -1.764  4.640   2.091   1.00 5.98  ? 5   DA  A C6    1 
ATOM   98  N N6    . DA  A 1 5  ? -1.504  5.236   0.922   1.00 5.98  ? 5   DA  A N6    1 
ATOM   99  N N1    . DA  A 1 5  ? -2.638  3.607   2.216   1.00 5.93  ? 5   DA  A N1    1 
ATOM   100 C C2    . DA  A 1 5  ? -2.914  2.995   3.372   1.00 5.93  ? 5   DA  A C2    1 
ATOM   101 N N3    . DA  A 1 5  ? -2.399  3.314   4.550   1.00 5.98  ? 5   DA  A N3    1 
ATOM   102 C C4    . DA  A 1 5  ? -1.541  4.358   4.461   1.00 5.97  ? 5   DA  A C4    1 
ATOM   103 P P     . DA  A 1 6  ? 0.216   2.334   10.194  1.00 6.16  ? 6   DA  A P     1 
ATOM   104 O OP1   . DA  A 1 6  ? 0.508   2.800   11.628  1.00 6.45  ? 6   DA  A OP1   1 
ATOM   105 O OP2   . DA  A 1 6  ? 1.567   2.272   9.533   1.00 6.24  ? 6   DA  A OP2   1 
ATOM   106 O "O5'" . DA  A 1 6  ? -0.668  1.076   10.178  1.00 5.83  ? 6   DA  A "O5'" 1 
ATOM   107 C "C5'" . DA  A 1 6  ? -2.040  0.983   9.799   1.00 5.75  ? 6   DA  A "C5'" 1 
ATOM   108 C "C4'" . DA  A 1 6  ? -1.994  0.308   8.437   1.00 5.74  ? 6   DA  A "C4'" 1 
ATOM   109 O "O4'" . DA  A 1 6  ? -1.441  1.140   7.419   1.00 5.76  ? 6   DA  A "O4'" 1 
ATOM   110 C "C3'" . DA  A 1 6  ? -1.169  -0.961  8.388   1.00 5.71  ? 6   DA  A "C3'" 1 
ATOM   111 O "O3'" . DA  A 1 6  ? -2.011  -2.062  8.067   1.00 5.68  ? 6   DA  A "O3'" 1 
ATOM   112 C "C2'" . DA  A 1 6  ? -0.130  -0.709  7.310   1.00 5.72  ? 6   DA  A "C2'" 1 
ATOM   113 C "C1'" . DA  A 1 6  ? -0.959  0.155   6.410   1.00 5.73  ? 6   DA  A "C1'" 1 
ATOM   114 N N9    . DA  A 1 6  ? -0.271  0.810   5.326   1.00 5.72  ? 6   DA  A N9    1 
ATOM   115 C C8    . DA  A 1 6  ? 0.853   1.586   5.340   1.00 5.71  ? 6   DA  A C8    1 
ATOM   116 N N7    . DA  A 1 6  ? 1.200   2.057   4.186   1.00 5.73  ? 6   DA  A N7    1 
ATOM   117 C C5    . DA  A 1 6  ? 0.183   1.624   3.330   1.00 5.73  ? 6   DA  A C5    1 
ATOM   118 C C6    . DA  A 1 6  ? 0.002   1.800   1.942   1.00 5.73  ? 6   DA  A C6    1 
ATOM   119 N N6    . DA  A 1 6  ? 0.790   2.530   1.180   1.00 5.75  ? 6   DA  A N6    1 
ATOM   120 N N1    . DA  A 1 6  ? -1.096  1.174   1.412   1.00 5.74  ? 6   DA  A N1    1 
ATOM   121 C C2    . DA  A 1 6  ? -1.951  0.442   2.225   1.00 5.74  ? 6   DA  A C2    1 
ATOM   122 N N3    . DA  A 1 6  ? -1.808  0.223   3.521   1.00 5.72  ? 6   DA  A N3    1 
ATOM   123 C C4    . DA  A 1 6  ? -0.721  0.840   4.006   1.00 5.72  ? 6   DA  A C4    1 
ATOM   124 P P     . DT  A 1 7  ? -1.431  -3.532  8.502   1.00 5.75  ? 7   DT  A P     1 
ATOM   125 O OP1   . DT  A 1 7  ? -2.313  -4.227  9.439   1.00 5.66  ? 7   DT  A OP1   1 
ATOM   126 O OP2   . DT  A 1 7  ? -0.040  -3.327  8.935   1.00 5.43  ? 7   DT  A OP2   1 
ATOM   127 O "O5'" . DT  A 1 7  ? -1.581  -4.219  7.026   1.00 5.55  ? 7   DT  A "O5'" 1 
ATOM   128 C "C5'" . DT  A 1 7  ? -2.981  -4.299  6.530   1.00 5.45  ? 7   DT  A "C5'" 1 
ATOM   129 C "C4'" . DT  A 1 7  ? -2.763  -4.645  5.055   1.00 5.43  ? 7   DT  A "C4'" 1 
ATOM   130 O "O4'" . DT  A 1 7  ? -2.106  -3.541  4.412   1.00 5.39  ? 7   DT  A "O4'" 1 
ATOM   131 C "C3'" . DT  A 1 7  ? -1.832  -5.814  4.848   1.00 5.42  ? 7   DT  A "C3'" 1 
ATOM   132 O "O3'" . DT  A 1 7  ? -2.128  -6.568  3.652   1.00 5.53  ? 7   DT  A "O3'" 1 
ATOM   133 C "C2'" . DT  A 1 7  ? -0.485  -5.124  4.765   1.00 5.37  ? 7   DT  A "C2'" 1 
ATOM   134 C "C1'" . DT  A 1 7  ? -0.905  -4.034  3.796   1.00 5.31  ? 7   DT  A "C1'" 1 
ATOM   135 N N1    . DT  A 1 7  ? 0.149   -3.063  3.614   1.00 5.26  ? 7   DT  A N1    1 
ATOM   136 C C2    . DT  A 1 7  ? 0.285   -2.569  2.324   1.00 5.25  ? 7   DT  A C2    1 
ATOM   137 O O2    . DT  A 1 7  ? -0.500  -2.952  1.452   1.00 5.30  ? 7   DT  A O2    1 
ATOM   138 N N3    . DT  A 1 7  ? 1.267   -1.664  2.045   1.00 5.22  ? 7   DT  A N3    1 
ATOM   139 C C4    . DT  A 1 7  ? 2.143   -1.261  2.984   1.00 5.20  ? 7   DT  A C4    1 
ATOM   140 O O4    . DT  A 1 7  ? 3.010   -0.423  2.652   1.00 5.16  ? 7   DT  A O4    1 
ATOM   141 C C5    . DT  A 1 7  ? 2.018   -1.789  4.300   1.00 5.22  ? 7   DT  A C5    1 
ATOM   142 C C7    . DT  A 1 7  ? 2.957   -1.329  5.387   1.00 5.23  ? 7   DT  A C7    1 
ATOM   143 C C6    . DT  A 1 7  ? 1.042   -2.668  4.556   1.00 5.24  ? 7   DT  A C6    1 
ATOM   144 P P     . DT  A 1 8  ? -2.510  -8.140  3.962   1.00 6.63  ? 8   DT  A P     1 
ATOM   145 O OP1   . DT  A 1 8  ? -3.792  -8.576  3.308   1.00 6.14  ? 8   DT  A OP1   1 
ATOM   146 O OP2   . DT  A 1 8  ? -2.721  -8.115  5.418   1.00 6.55  ? 8   DT  A OP2   1 
ATOM   147 O "O5'" . DT  A 1 8  ? -1.232  -8.880  3.357   1.00 6.41  ? 8   DT  A "O5'" 1 
ATOM   148 C "C5'" . DT  A 1 8  ? -0.312  -8.013  2.603   1.00 6.43  ? 8   DT  A "C5'" 1 
ATOM   149 C "C4'" . DT  A 1 8  ? -0.954  -7.808  1.223   1.00 6.44  ? 8   DT  A "C4'" 1 
ATOM   150 O "O4'" . DT  A 1 8  ? -0.722  -6.522  0.726   1.00 6.42  ? 8   DT  A "O4'" 1 
ATOM   151 C "C3'" . DT  A 1 8  ? -0.394  -8.771  0.156   1.00 6.44  ? 8   DT  A "C3'" 1 
ATOM   152 O "O3'" . DT  A 1 8  ? -1.323  -9.232  -0.781  1.00 6.44  ? 8   DT  A "O3'" 1 
ATOM   153 C "C2'" . DT  A 1 8  ? 0.758   -7.935  -0.428  1.00 6.44  ? 8   DT  A "C2'" 1 
ATOM   154 C "C1'" . DT  A 1 8  ? 0.379   -6.505  -0.199  1.00 6.40  ? 8   DT  A "C1'" 1 
ATOM   155 N N1    . DT  A 1 8  ? 1.550   -5.808  0.355   1.00 6.39  ? 8   DT  A N1    1 
ATOM   156 C C2    . DT  A 1 8  ? 2.282   -4.994  -0.483  1.00 6.38  ? 8   DT  A C2    1 
ATOM   157 O O2    . DT  A 1 8  ? 1.919   -4.888  -1.631  1.00 6.39  ? 8   DT  A O2    1 
ATOM   158 N N3    . DT  A 1 8  ? 3.365   -4.323  0.030   1.00 6.42  ? 8   DT  A N3    1 
ATOM   159 C C4    . DT  A 1 8  ? 3.704   -4.409  1.367   1.00 6.38  ? 8   DT  A C4    1 
ATOM   160 O O4    . DT  A 1 8  ? 4.676   -3.724  1.814   1.00 6.40  ? 8   DT  A O4    1 
ATOM   161 C C5    . DT  A 1 8  ? 2.933   -5.250  2.228   1.00 6.39  ? 8   DT  A C5    1 
ATOM   162 C C7    . DT  A 1 8  ? 3.342   -5.439  3.653   1.00 6.33  ? 8   DT  A C7    1 
ATOM   163 C C6    . DT  A 1 8  ? 1.889   -5.906  1.680   1.00 6.38  ? 8   DT  A C6    1 
ATOM   164 P P     . DC  A 1 9  ? -1.208  -9.686  -2.246  1.00 6.75  ? 9   DC  A P     1 
ATOM   165 O OP1   . DC  A 1 9  ? -2.568  -9.950  -2.866  1.00 6.64  ? 9   DC  A OP1   1 
ATOM   166 O OP2   . DC  A 1 9  ? -0.440  -11.050 -2.194  1.00 6.69  ? 9   DC  A OP2   1 
ATOM   167 O "O5'" . DC  A 1 9  ? -0.382  -8.686  -3.157  1.00 6.45  ? 9   DC  A "O5'" 1 
ATOM   168 C "C5'" . DC  A 1 9  ? -0.837  -8.202  -4.397  1.00 6.38  ? 9   DC  A "C5'" 1 
ATOM   169 C "C4'" . DC  A 1 9  ? 0.089   -8.271  -5.550  1.00 6.42  ? 9   DC  A "C4'" 1 
ATOM   170 O "O4'" . DC  A 1 9  ? 1.332   -7.559  -5.416  1.00 6.33  ? 9   DC  A "O4'" 1 
ATOM   171 C "C3'" . DC  A 1 9  ? 0.533   -9.703  -5.907  1.00 6.42  ? 9   DC  A "C3'" 1 
ATOM   172 O "O3'" . DC  A 1 9  ? 1.101   -9.895  -7.171  1.00 6.56  ? 9   DC  A "O3'" 1 
ATOM   173 C "C2'" . DC  A 1 9  ? 1.536   -9.792  -4.700  1.00 6.37  ? 9   DC  A "C2'" 1 
ATOM   174 C "C1'" . DC  A 1 9  ? 2.329   -8.537  -5.000  1.00 6.32  ? 9   DC  A "C1'" 1 
ATOM   175 N N1    . DC  A 1 9  ? 3.109   -8.028  -3.865  1.00 6.24  ? 9   DC  A N1    1 
ATOM   176 C C2    . DC  A 1 9  ? 3.875   -6.894  -4.164  1.00 6.22  ? 9   DC  A C2    1 
ATOM   177 O O2    . DC  A 1 9  ? 3.868   -6.432  -5.303  1.00 6.20  ? 9   DC  A O2    1 
ATOM   178 N N3    . DC  A 1 9  ? 4.618   -6.333  -3.177  1.00 6.19  ? 9   DC  A N3    1 
ATOM   179 C C4    . DC  A 1 9  ? 4.578   -6.814  -1.902  1.00 6.23  ? 9   DC  A C4    1 
ATOM   180 N N4    . DC  A 1 9  ? 5.332   -6.218  -0.958  1.00 6.24  ? 9   DC  A N4    1 
ATOM   181 C C5    . DC  A 1 9  ? 3.797   -7.952  -1.591  1.00 6.21  ? 9   DC  A C5    1 
ATOM   182 C C6    . DC  A 1 9  ? 3.129   -8.530  -2.622  1.00 6.23  ? 9   DC  A C6    1 
ATOM   183 P P     . DG  A 1 10 ? 0.414   -10.154 -8.613  1.00 7.24  ? 10  DG  A P     1 
ATOM   184 O OP1   . DG  A 1 10 ? -0.400  -8.853  -8.922  1.00 7.06  ? 10  DG  A OP1   1 
ATOM   185 O OP2   . DG  A 1 10 ? -0.395  -11.337 -8.552  1.00 6.51  ? 10  DG  A OP2   1 
ATOM   186 O "O5'" . DG  A 1 10 ? 1.694   -10.116 -9.587  1.00 7.36  ? 10  DG  A "O5'" 1 
ATOM   187 C "C5'" . DG  A 1 10 ? 1.978   -8.870  -10.298 1.00 7.44  ? 10  DG  A "C5'" 1 
ATOM   188 C "C4'" . DG  A 1 10 ? 3.444   -8.634  -10.005 1.00 7.51  ? 10  DG  A "C4'" 1 
ATOM   189 O "O4'" . DG  A 1 10 ? 3.599   -8.857  -8.581  1.00 7.49  ? 10  DG  A "O4'" 1 
ATOM   190 C "C3'" . DG  A 1 10 ? 4.488   -9.511  -10.667 1.00 7.57  ? 10  DG  A "C3'" 1 
ATOM   191 O "O3'" . DG  A 1 10 ? 5.391   -8.790  -11.593 1.00 7.78  ? 10  DG  A "O3'" 1 
ATOM   192 C "C2'" . DG  A 1 10 ? 5.256   -10.142 -9.499  1.00 7.53  ? 10  DG  A "C2'" 1 
ATOM   193 C "C1'" . DG  A 1 10 ? 5.099   -9.076  -8.468  1.00 7.44  ? 10  DG  A "C1'" 1 
ATOM   194 N N9    . DG  A 1 10 ? 5.366   -9.400  -7.092  1.00 7.34  ? 10  DG  A N9    1 
ATOM   195 C C8    . DG  A 1 10 ? 4.614   -10.336 -6.365  1.00 7.31  ? 10  DG  A C8    1 
ATOM   196 N N7    . DG  A 1 10 ? 4.965   -10.435 -5.130  1.00 7.26  ? 10  DG  A N7    1 
ATOM   197 C C5    . DG  A 1 10 ? 5.981   -9.502  -4.996  1.00 7.26  ? 10  DG  A C5    1 
ATOM   198 C C6    . DG  A 1 10 ? 6.758   -9.140  -3.854  1.00 7.27  ? 10  DG  A C6    1 
ATOM   199 O O6    . DG  A 1 10 ? 6.596   -9.638  -2.729  1.00 7.24  ? 10  DG  A O6    1 
ATOM   200 N N1    . DG  A 1 10 ? 7.710   -8.178  -4.104  1.00 7.22  ? 10  DG  A N1    1 
ATOM   201 C C2    . DG  A 1 10 ? 7.830   -7.568  -5.309  1.00 7.22  ? 10  DG  A C2    1 
ATOM   202 N N2    . DG  A 1 10 ? 8.780   -6.635  -5.393  1.00 7.20  ? 10  DG  A N2    1 
ATOM   203 N N3    . DG  A 1 10 ? 7.107   -7.850  -6.421  1.00 7.25  ? 10  DG  A N3    1 
ATOM   204 C C4    . DG  A 1 10 ? 6.214   -8.838  -6.187  1.00 7.28  ? 10  DG  A C4    1 
ATOM   205 P P     . DC  A 1 11 ? 6.388   -9.769  -12.447 1.00 8.53  ? 11  DC  A P     1 
ATOM   206 O OP1   . DC  A 1 11 ? 5.458   -10.663 -13.282 1.00 8.93  ? 11  DC  A OP1   1 
ATOM   207 O OP2   . DC  A 1 11 ? 6.956   -10.576 -11.370 1.00 9.04  ? 11  DC  A OP2   1 
ATOM   208 O "O5'" . DC  A 1 11 ? 7.336   -8.894  -13.296 1.00 9.31  ? 11  DC  A "O5'" 1 
ATOM   209 C "C5'" . DC  A 1 11 ? 7.561   -7.491  -13.191 1.00 9.36  ? 11  DC  A "C5'" 1 
ATOM   210 C "C4'" . DC  A 1 11 ? 8.770   -7.202  -12.339 1.00 9.42  ? 11  DC  A "C4'" 1 
ATOM   211 O "O4'" . DC  A 1 11 ? 8.420   -7.465  -10.950 1.00 9.42  ? 11  DC  A "O4'" 1 
ATOM   212 C "C3'" . DC  A 1 11 ? 10.054  -7.977  -12.652 1.00 9.44  ? 11  DC  A "C3'" 1 
ATOM   213 O "O3'" . DC  A 1 11 ? 11.280  -7.267  -12.684 1.00 9.52  ? 11  DC  A "O3'" 1 
ATOM   214 C "C2'" . DC  A 1 11 ? 10.135  -8.955  -11.458 1.00 9.41  ? 11  DC  A "C2'" 1 
ATOM   215 C "C1'" . DC  A 1 11 ? 9.558   -8.036  -10.333 1.00 9.39  ? 11  DC  A "C1'" 1 
ATOM   216 N N1    . DC  A 1 11 ? 9.362   -8.985  -9.244  1.00 9.37  ? 11  DC  A N1    1 
ATOM   217 C C2    . DC  A 1 11 ? 10.269  -8.981  -8.200  1.00 9.35  ? 11  DC  A C2    1 
ATOM   218 O O2    . DC  A 1 11 ? 11.122  -8.082  -8.115  1.00 9.33  ? 11  DC  A O2    1 
ATOM   219 N N3    . DC  A 1 11 ? 10.134  -9.937  -7.228  1.00 9.32  ? 11  DC  A N3    1 
ATOM   220 C C4    . DC  A 1 11 ? 9.205   -10.921 -7.352  1.00 9.34  ? 11  DC  A C4    1 
ATOM   221 N N4    . DC  A 1 11 ? 9.075   -11.866 -6.398  1.00 9.37  ? 11  DC  A N4    1 
ATOM   222 C C5    . DC  A 1 11 ? 8.296   -10.953 -8.458  1.00 9.37  ? 11  DC  A C5    1 
ATOM   223 C C6    . DC  A 1 11 ? 8.431   -9.989  -9.375  1.00 9.34  ? 11  DC  A C6    1 
ATOM   224 P P     . DG  A 1 12 ? 12.144  -6.642  -13.873 1.00 9.74  ? 12  DG  A P     1 
ATOM   225 O OP1   . DG  A 1 12 ? 11.267  -5.685  -14.701 1.00 9.63  ? 12  DG  A OP1   1 
ATOM   226 O OP2   . DG  A 1 12 ? 12.599  -7.799  -14.619 1.00 9.83  ? 12  DG  A OP2   1 
ATOM   227 O "O5'" . DG  A 1 12 ? 13.227  -5.762  -13.109 1.00 9.98  ? 12  DG  A "O5'" 1 
ATOM   228 C "C5'" . DG  A 1 12 ? 14.585  -5.931  -12.964 1.00 10.01 ? 12  DG  A "C5'" 1 
ATOM   229 C "C4'" . DG  A 1 12 ? 14.894  -6.894  -11.859 1.00 10.04 ? 12  DG  A "C4'" 1 
ATOM   230 O "O4'" . DG  A 1 12 ? 13.799  -7.745  -11.506 1.00 10.04 ? 12  DG  A "O4'" 1 
ATOM   231 C "C3'" . DG  A 1 12 ? 16.031  -7.917  -12.188 1.00 10.04 ? 12  DG  A "C3'" 1 
ATOM   232 O "O3'" . DG  A 1 12 ? 17.306  -7.261  -12.124 1.00 10.07 ? 12  DG  A "O3'" 1 
ATOM   233 C "C2'" . DG  A 1 12 ? 15.795  -9.055  -11.212 1.00 10.02 ? 12  DG  A "C2'" 1 
ATOM   234 C "C1'" . DG  A 1 12 ? 14.487  -8.690  -10.582 1.00 10.05 ? 12  DG  A "C1'" 1 
ATOM   235 N N9    . DG  A 1 12 ? 13.653  -9.850  -10.327 1.00 10.04 ? 12  DG  A N9    1 
ATOM   236 C C8    . DG  A 1 12 ? 12.815  -10.509 -11.146 1.00 10.04 ? 12  DG  A C8    1 
ATOM   237 N N7    . DG  A 1 12 ? 12.187  -11.509 -10.572 1.00 10.05 ? 12  DG  A N7    1 
ATOM   238 C C5    . DG  A 1 12 ? 12.657  -11.476 -9.261  1.00 10.05 ? 12  DG  A C5    1 
ATOM   239 C C6    . DG  A 1 12 ? 12.344  -12.279 -8.145  1.00 10.05 ? 12  DG  A C6    1 
ATOM   240 O O6    . DG  A 1 12 ? 11.580  -13.241 -8.139  1.00 10.07 ? 12  DG  A O6    1 
ATOM   241 N N1    . DG  A 1 12 ? 13.005  -11.955 -6.986  1.00 10.06 ? 12  DG  A N1    1 
ATOM   242 C C2    . DG  A 1 12 ? 13.851  -10.883 -6.936  1.00 10.06 ? 12  DG  A C2    1 
ATOM   243 N N2    . DG  A 1 12 ? 14.384  -10.682 -5.716  1.00 10.05 ? 12  DG  A N2    1 
ATOM   244 N N3    . DG  A 1 12 ? 14.197  -10.119 -7.967  1.00 10.06 ? 12  DG  A N3    1 
ATOM   245 C C4    . DG  A 1 12 ? 13.579  -10.482 -9.092  1.00 10.05 ? 12  DG  A C4    1 
ATOM   246 O "O5'" . DC  B 1 1  ? 13.426  -17.150 -1.322  1.00 10.11 ? 13  DC  B "O5'" 1 
ATOM   247 C "C5'" . DC  B 1 1  ? 12.961  -16.650 -0.046  1.00 10.09 ? 13  DC  B "C5'" 1 
ATOM   248 C "C4'" . DC  B 1 1  ? 13.870  -15.532 0.366   1.00 10.09 ? 13  DC  B "C4'" 1 
ATOM   249 O "O4'" . DC  B 1 1  ? 14.266  -14.793 -0.812  1.00 10.12 ? 13  DC  B "O4'" 1 
ATOM   250 C "C3'" . DC  B 1 1  ? 13.315  -14.405 1.247   1.00 10.06 ? 13  DC  B "C3'" 1 
ATOM   251 O "O3'" . DC  B 1 1  ? 14.312  -13.524 1.661   1.00 10.01 ? 13  DC  B "O3'" 1 
ATOM   252 C "C2'" . DC  B 1 1  ? 12.395  -13.747 0.204   1.00 10.09 ? 13  DC  B "C2'" 1 
ATOM   253 C "C1'" . DC  B 1 1  ? 13.350  -13.700 -0.995  1.00 10.10 ? 13  DC  B "C1'" 1 
ATOM   254 N N1    . DC  B 1 1  ? 12.607  -13.880 -2.251  1.00 10.10 ? 13  DC  B N1    1 
ATOM   255 C C2    . DC  B 1 1  ? 13.029  -13.203 -3.390  1.00 10.10 ? 13  DC  B C2    1 
ATOM   256 O O2    . DC  B 1 1  ? 13.998  -12.432 -3.421  1.00 10.12 ? 13  DC  B O2    1 
ATOM   257 N N3    . DC  B 1 1  ? 12.338  -13.426 -4.544  1.00 10.09 ? 13  DC  B N3    1 
ATOM   258 C C4    . DC  B 1 1  ? 11.274  -14.271 -4.577  1.00 10.07 ? 13  DC  B C4    1 
ATOM   259 N N4    . DC  B 1 1  ? 10.610  -14.427 -5.720  1.00 10.07 ? 13  DC  B N4    1 
ATOM   260 C C5    . DC  B 1 1  ? 10.872  -14.972 -3.409  1.00 10.08 ? 13  DC  B C5    1 
ATOM   261 C C6    . DC  B 1 1  ? 11.556  -14.750 -2.289  1.00 10.08 ? 13  DC  B C6    1 
ATOM   262 P P     . DG  B 1 2  ? 14.315  -12.547 2.931   1.00 9.83  ? 14  DG  B P     1 
ATOM   263 O OP1   . DG  B 1 2  ? 15.229  -13.020 4.059   1.00 9.70  ? 14  DG  B OP1   1 
ATOM   264 O OP2   . DG  B 1 2  ? 12.892  -12.669 3.356   1.00 9.62  ? 14  DG  B OP2   1 
ATOM   265 O "O5'" . DG  B 1 2  ? 14.902  -11.219 2.352   1.00 9.27  ? 14  DG  B "O5'" 1 
ATOM   266 C "C5'" . DG  B 1 2  ? 14.809  -10.914 0.912   1.00 9.17  ? 14  DG  B "C5'" 1 
ATOM   267 C "C4'" . DG  B 1 2  ? 15.655  -9.658  0.800   1.00 9.12  ? 14  DG  B "C4'" 1 
ATOM   268 O "O4'" . DG  B 1 2  ? 15.557  -9.058  -0.455  1.00 9.13  ? 14  DG  B "O4'" 1 
ATOM   269 C "C3'" . DG  B 1 2  ? 15.171  -8.532  1.747   1.00 9.10  ? 14  DG  B "C3'" 1 
ATOM   270 O "O3'" . DG  B 1 2  ? 16.190  -7.566  2.008   1.00 8.95  ? 14  DG  B "O3'" 1 
ATOM   271 C "C2'" . DG  B 1 2  ? 13.974  -8.025  0.956   1.00 9.10  ? 14  DG  B "C2'" 1 
ATOM   272 C "C1'" . DG  B 1 2  ? 14.335  -8.293  -0.507  1.00 9.13  ? 14  DG  B "C1'" 1 
ATOM   273 N N9    . DG  B 1 2  ? 13.246  -9.025  -1.131  1.00 9.13  ? 14  DG  B N9    1 
ATOM   274 C C8    . DG  B 1 2  ? 12.565  -10.055 -0.484  1.00 9.15  ? 14  DG  B C8    1 
ATOM   275 N N7    . DG  B 1 2  ? 11.654  -10.608 -1.251  1.00 9.15  ? 14  DG  B N7    1 
ATOM   276 C C5    . DG  B 1 2  ? 11.704  -9.898  -2.448  1.00 9.13  ? 14  DG  B C5    1 
ATOM   277 C C6    . DG  B 1 2  ? 10.927  -10.016 -3.621  1.00 9.14  ? 14  DG  B C6    1 
ATOM   278 O O6    . DG  B 1 2  ? 9.980   -10.821 -3.815  1.00 9.17  ? 14  DG  B O6    1 
ATOM   279 N N1    . DG  B 1 2  ? 11.284  -9.177  -4.629  1.00 9.13  ? 14  DG  B N1    1 
ATOM   280 C C2    . DG  B 1 2  ? 12.313  -8.280  -4.450  1.00 9.14  ? 14  DG  B C2    1 
ATOM   281 N N2    . DG  B 1 2  ? 12.519  -7.473  -5.521  1.00 9.15  ? 14  DG  B N2    1 
ATOM   282 N N3    . DG  B 1 2  ? 13.035  -8.069  -3.362  1.00 9.14  ? 14  DG  B N3    1 
ATOM   283 C C4    . DG  B 1 2  ? 12.682  -8.927  -2.379  1.00 9.14  ? 14  DG  B C4    1 
ATOM   284 P P     . DC  B 1 3  ? 15.750  -6.115  2.589   1.00 8.06  ? 15  DC  B P     1 
ATOM   285 O OP1   . DC  B 1 3  ? 16.949  -5.279  2.950   1.00 8.05  ? 15  DC  B OP1   1 
ATOM   286 O OP2   . DC  B 1 3  ? 14.978  -6.564  3.755   1.00 8.09  ? 15  DC  B OP2   1 
ATOM   287 O "O5'" . DC  B 1 3  ? 14.978  -5.478  1.385   1.00 7.85  ? 15  DC  B "O5'" 1 
ATOM   288 C "C5'" . DC  B 1 3  ? 15.526  -4.662  0.365   1.00 7.68  ? 15  DC  B "C5'" 1 
ATOM   289 C "C4'" . DC  B 1 3  ? 14.541  -4.600  -0.803  1.00 7.68  ? 15  DC  B "C4'" 1 
ATOM   290 O "O4'" . DC  B 1 3  ? 13.547  -5.646  -0.697  1.00 7.64  ? 15  DC  B "O4'" 1 
ATOM   291 C "C3'" . DC  B 1 3  ? 13.727  -3.357  -0.949  1.00 7.63  ? 15  DC  B "C3'" 1 
ATOM   292 O "O3'" . DC  B 1 3  ? 14.311  -2.338  -1.813  1.00 7.63  ? 15  DC  B "O3'" 1 
ATOM   293 C "C2'" . DC  B 1 3  ? 12.368  -3.780  -1.461  1.00 7.61  ? 15  DC  B "C2'" 1 
ATOM   294 C "C1'" . DC  B 1 3  ? 12.493  -5.229  -1.654  1.00 7.59  ? 15  DC  B "C1'" 1 
ATOM   295 N N1    . DC  B 1 3  ? 11.306  -6.032  -1.328  1.00 7.53  ? 15  DC  B N1    1 
ATOM   296 C C2    . DC  B 1 3  ? 10.507  -6.420  -2.374  1.00 7.54  ? 15  DC  B C2    1 
ATOM   297 O O2    . DC  B 1 3  ? 10.680  -6.064  -3.549  1.00 7.52  ? 15  DC  B O2    1 
ATOM   298 N N3    . DC  B 1 3  ? 9.458   -7.245  -2.073  1.00 7.50  ? 15  DC  B N3    1 
ATOM   299 C C4    . DC  B 1 3  ? 9.197   -7.675  -0.830  1.00 7.50  ? 15  DC  B C4    1 
ATOM   300 N N4    . DC  B 1 3  ? 8.122   -8.468  -0.667  1.00 7.51  ? 15  DC  B N4    1 
ATOM   301 C C5    . DC  B 1 3  ? 10.058  -7.300  0.228   1.00 7.51  ? 15  DC  B C5    1 
ATOM   302 C C6    . DC  B 1 3  ? 11.072  -6.489  -0.073  1.00 7.51  ? 15  DC  B C6    1 
HETATM 303 P P     . G36 B 1 4  ? 14.093  -0.808  -1.106  1.00 8.05  ? 16  G36 B P     1 
HETATM 304 O O1P   . G36 B 1 4  ? 15.307  0.041   -1.374  1.00 7.75  ? 16  G36 B O1P   1 
HETATM 305 O O2P   . G36 B 1 4  ? 14.120  -1.307  0.354   1.00 8.02  ? 16  G36 B O2P   1 
HETATM 306 O "O5'" . G36 B 1 4  ? 12.797  -0.319  -1.695  1.00 7.16  ? 16  G36 B "O5'" 1 
HETATM 307 C "C5'" . G36 B 1 4  ? 12.642  0.898   -2.431  1.00 7.02  ? 16  G36 B "C5'" 1 
HETATM 308 C "C4'" . G36 B 1 4  ? 12.122  0.618   -3.825  1.00 6.99  ? 16  G36 B "C4'" 1 
HETATM 309 O "O4'" . G36 B 1 4  ? 11.658  -0.689  -4.065  1.00 6.90  ? 16  G36 B "O4'" 1 
HETATM 310 C "C3'" . G36 B 1 4  ? 10.919  1.521   -4.202  1.00 6.99  ? 16  G36 B "C3'" 1 
HETATM 311 O "O3'" . G36 B 1 4  ? 10.960  1.899   -5.585  1.00 7.03  ? 16  G36 B "O3'" 1 
HETATM 312 C "C2'" . G36 B 1 4  ? 9.708   0.685   -3.854  1.00 6.92  ? 16  G36 B "C2'" 1 
HETATM 313 C CM2   . G36 B 1 4  ? 9.420   -3.116  2.533   1.00 6.55  ? 16  G36 B CM2   1 
HETATM 314 C "C1'" . G36 B 1 4  ? 10.215  -0.746  -3.893  1.00 6.84  ? 16  G36 B "C1'" 1 
HETATM 315 N N9    . G36 B 1 4  ? 9.835   -1.368  -2.603  1.00 6.72  ? 16  G36 B N9    1 
HETATM 316 C C8    . G36 B 1 4  ? 10.326  -1.027  -1.359  1.00 6.66  ? 16  G36 B C8    1 
HETATM 317 N N7    . G36 B 1 4  ? 9.764   -1.699  -0.389  1.00 6.63  ? 16  G36 B N7    1 
HETATM 318 C C5    . G36 B 1 4  ? 8.838   -2.499  -1.047  1.00 6.60  ? 16  G36 B C5    1 
HETATM 319 C C6    . G36 B 1 4  ? 7.989   -3.510  -0.543  1.00 6.59  ? 16  G36 B C6    1 
HETATM 320 O O6    . G36 B 1 4  ? 7.949   -3.771  0.785   1.00 6.55  ? 16  G36 B O6    1 
HETATM 321 N N1    . G36 B 1 4  ? 7.241   -4.152  -1.480  1.00 6.53  ? 16  G36 B N1    1 
HETATM 322 C C2    . G36 B 1 4  ? 7.302   -3.848  -2.803  1.00 6.53  ? 16  G36 B C2    1 
HETATM 323 N N2    . G36 B 1 4  ? 6.497   -4.567  -3.590  1.00 6.49  ? 16  G36 B N2    1 
HETATM 324 C C1M   . G36 B 1 4  ? 9.079   -4.162  1.460   1.00 6.58  ? 16  G36 B C1M   1 
HETATM 325 N N3    . G36 B 1 4  ? 8.109   -2.935  -3.341  1.00 6.59  ? 16  G36 B N3    1 
HETATM 326 C C4    . G36 B 1 4  ? 8.874   -2.322  -2.400  1.00 6.64  ? 16  G36 B C4    1 
ATOM   327 P P     . DA  B 1 5  ? 9.715   2.840   -6.114  1.00 7.96  ? 17  DA  B P     1 
ATOM   328 O OP1   . DA  B 1 5  ? 10.355  3.928   -6.973  1.00 7.71  ? 17  DA  B OP1   1 
ATOM   329 O OP2   . DA  B 1 5  ? 9.125   3.269   -4.860  1.00 7.81  ? 17  DA  B OP2   1 
ATOM   330 O "O5'" . DA  B 1 5  ? 8.822   1.813   -6.945  1.00 7.46  ? 17  DA  B "O5'" 1 
ATOM   331 C "C5'" . DA  B 1 5  ? 8.031   0.846   -6.164  1.00 7.38  ? 17  DA  B "C5'" 1 
ATOM   332 C "C4'" . DA  B 1 5  ? 6.987   0.353   -7.157  1.00 7.36  ? 17  DA  B "C4'" 1 
ATOM   333 O "O4'" . DA  B 1 5  ? 6.210   -0.775  -6.705  1.00 7.37  ? 17  DA  B "O4'" 1 
ATOM   334 C "C3'" . DA  B 1 5  ? 5.936   1.390   -7.431  1.00 7.34  ? 17  DA  B "C3'" 1 
ATOM   335 O "O3'" . DA  B 1 5  ? 5.460   1.382   -8.831  1.00 7.31  ? 17  DA  B "O3'" 1 
ATOM   336 C "C2'" . DA  B 1 5  ? 4.861   1.108   -6.391  1.00 7.31  ? 17  DA  B "C2'" 1 
ATOM   337 C "C1'" . DA  B 1 5  ? 5.188   -0.261  -5.848  1.00 7.27  ? 17  DA  B "C1'" 1 
ATOM   338 N N9    . DA  B 1 5  ? 5.665   -0.202  -4.452  1.00 7.23  ? 17  DA  B N9    1 
ATOM   339 C C8    . DA  B 1 5  ? 6.571   0.573   -3.792  1.00 7.21  ? 17  DA  B C8    1 
ATOM   340 N N7    . DA  B 1 5  ? 6.657   0.301   -2.478  1.00 7.21  ? 17  DA  B N7    1 
ATOM   341 C C5    . DA  B 1 5  ? 5.746   -0.730  -2.296  1.00 7.19  ? 17  DA  B C5    1 
ATOM   342 C C6    . DA  B 1 5  ? 5.339   -1.487  -1.178  1.00 7.19  ? 17  DA  B C6    1 
ATOM   343 N N6    . DA  B 1 5  ? 5.764   -1.391  0.081   1.00 7.15  ? 17  DA  B N6    1 
ATOM   344 N N1    . DA  B 1 5  ? 4.345   -2.417  -1.423  1.00 7.14  ? 17  DA  B N1    1 
ATOM   345 C C2    . DA  B 1 5  ? 3.823   -2.629  -2.631  1.00 7.17  ? 17  DA  B C2    1 
ATOM   346 N N3    . DA  B 1 5  ? 4.192   -1.979  -3.724  1.00 7.18  ? 17  DA  B N3    1 
ATOM   347 C C4    . DA  B 1 5  ? 5.134   -1.055  -3.499  1.00 7.21  ? 17  DA  B C4    1 
ATOM   348 P P     . DA  B 1 6  ? 4.438   2.702   -9.051  1.00 7.27  ? 18  DA  B P     1 
ATOM   349 O OP1   . DA  B 1 6  ? 4.537   3.219   -10.427 1.00 7.04  ? 18  DA  B OP1   1 
ATOM   350 O OP2   . DA  B 1 6  ? 5.063   3.618   -8.000  1.00 6.86  ? 18  DA  B OP2   1 
ATOM   351 O "O5'" . DA  B 1 6  ? 3.066   2.041   -8.602  1.00 6.13  ? 18  DA  B "O5'" 1 
ATOM   352 C "C5'" . DA  B 1 6  ? 3.007   0.552   -8.638  1.00 5.95  ? 18  DA  B "C5'" 1 
ATOM   353 C "C4'" . DA  B 1 6  ? 1.930   0.218   -7.608  1.00 5.85  ? 18  DA  B "C4'" 1 
ATOM   354 O "O4'" . DA  B 1 6  ? 2.436   0.011   -6.294  1.00 5.77  ? 18  DA  B "O4'" 1 
ATOM   355 C "C3'" . DA  B 1 6  ? 0.871   1.339   -7.506  1.00 5.79  ? 18  DA  B "C3'" 1 
ATOM   356 O "O3'" . DA  B 1 6  ? -0.439  0.860   -7.489  1.00 5.80  ? 18  DA  B "O3'" 1 
ATOM   357 C "C2'" . DA  B 1 6  ? 1.306   1.971   -6.193  1.00 5.73  ? 18  DA  B "C2'" 1 
ATOM   358 C "C1'" . DA  B 1 6  ? 1.609   0.716   -5.343  1.00 5.66  ? 18  DA  B "C1'" 1 
ATOM   359 N N9    . DA  B 1 6  ? 2.183   1.071   -4.049  1.00 5.57  ? 18  DA  B N9    1 
ATOM   360 C C8    . DA  B 1 6  ? 2.957   2.175   -3.686  1.00 5.54  ? 18  DA  B C8    1 
ATOM   361 N N7    . DA  B 1 6  ? 3.321   2.186   -2.432  1.00 5.49  ? 18  DA  B N7    1 
ATOM   362 C C5    . DA  B 1 6  ? 2.755   1.053   -1.893  1.00 5.48  ? 18  DA  B C5    1 
ATOM   363 C C6    . DA  B 1 6  ? 2.714   0.531   -0.583  1.00 5.48  ? 18  DA  B C6    1 
ATOM   364 N N6    . DA  B 1 6  ? 3.322   1.071   0.470   1.00 5.47  ? 18  DA  B N6    1 
ATOM   365 N N1    . DA  B 1 6  ? 2.008   -0.604  -0.409  1.00 5.42  ? 18  DA  B N1    1 
ATOM   366 C C2    . DA  B 1 6  ? 1.333   -1.169  -1.398  1.00 5.45  ? 18  DA  B C2    1 
ATOM   367 N N3    . DA  B 1 6  ? 1.301   -0.722  -2.657  1.00 5.52  ? 18  DA  B N3    1 
ATOM   368 C C4    . DA  B 1 6  ? 2.026   0.391   -2.851  1.00 5.52  ? 18  DA  B C4    1 
ATOM   369 P P     . DT  B 1 7  ? -1.265  0.158   -8.644  1.00 6.16  ? 19  DT  B P     1 
ATOM   370 O OP1   . DT  B 1 7  ? -0.864  -1.311  -8.905  1.00 6.12  ? 19  DT  B OP1   1 
ATOM   371 O OP2   . DT  B 1 7  ? -1.019  0.939   -9.860  1.00 6.09  ? 19  DT  B OP2   1 
ATOM   372 O "O5'" . DT  B 1 7  ? -2.758  0.176   -8.086  1.00 5.71  ? 19  DT  B "O5'" 1 
ATOM   373 C "C5'" . DT  B 1 7  ? -2.793  0.504   -6.651  1.00 5.73  ? 19  DT  B "C5'" 1 
ATOM   374 C "C4'" . DT  B 1 7  ? -3.233  -0.871  -6.111  1.00 5.74  ? 19  DT  B "C4'" 1 
ATOM   375 O "O4'" . DT  B 1 7  ? -2.388  -1.202  -5.024  1.00 5.72  ? 19  DT  B "O4'" 1 
ATOM   376 C "C3'" . DT  B 1 7  ? -4.639  -0.794  -5.540  1.00 5.73  ? 19  DT  B "C3'" 1 
ATOM   377 O "O3'" . DT  B 1 7  ? -5.284  -2.049  -5.265  1.00 5.70  ? 19  DT  B "O3'" 1 
ATOM   378 C "C2'" . DT  B 1 7  ? -4.317  0.006   -4.270  1.00 5.71  ? 19  DT  B "C2'" 1 
ATOM   379 C "C1'" . DT  B 1 7  ? -2.959  -0.544  -3.868  1.00 5.67  ? 19  DT  B "C1'" 1 
ATOM   380 N N1    . DT  B 1 7  ? -2.124  0.572   -3.374  1.00 5.64  ? 19  DT  B N1    1 
ATOM   381 C C2    . DT  B 1 7  ? -2.059  0.615   -1.987  1.00 5.64  ? 19  DT  B C2    1 
ATOM   382 O O2    . DT  B 1 7  ? -2.624  -0.247  -1.297  1.00 5.64  ? 19  DT  B O2    1 
ATOM   383 N N3    . DT  B 1 7  ? -1.356  1.623   -1.416  1.00 5.63  ? 19  DT  B N3    1 
ATOM   384 C C4    . DT  B 1 7  ? -0.688  2.557   -2.139  1.00 5.63  ? 19  DT  B C4    1 
ATOM   385 O O4    . DT  B 1 7  ? 0.001   3.429   -1.505  1.00 5.67  ? 19  DT  B O4    1 
ATOM   386 C C5    . DT  B 1 7  ? -0.734  2.492   -3.570  1.00 5.62  ? 19  DT  B C5    1 
ATOM   387 C C7    . DT  B 1 7  ? 0.011   3.567   -4.310  1.00 5.56  ? 19  DT  B C7    1 
ATOM   388 C C6    . DT  B 1 7  ? -1.471  1.517   -4.104  1.00 5.62  ? 19  DT  B C6    1 
ATOM   389 P P     . DT  B 1 8  ? -6.876  -2.132  -5.359  1.00 6.29  ? 20  DT  B P     1 
ATOM   390 O OP1   . DT  B 1 8  ? -7.401  -3.428  -5.905  1.00 5.79  ? 20  DT  B OP1   1 
ATOM   391 O OP2   . DT  B 1 8  ? -7.295  -0.940  -6.083  1.00 5.74  ? 20  DT  B OP2   1 
ATOM   392 O "O5'" . DT  B 1 8  ? -7.301  -2.054  -3.741  1.00 5.70  ? 20  DT  B "O5'" 1 
ATOM   393 C "C5'" . DT  B 1 8  ? -6.415  -1.283  -2.900  1.00 5.66  ? 20  DT  B "C5'" 1 
ATOM   394 C "C4'" . DT  B 1 8  ? -6.671  -1.639  -1.455  1.00 5.64  ? 20  DT  B "C4'" 1 
ATOM   395 O "O4'" . DT  B 1 8  ? -5.790  -0.957  -0.610  1.00 5.56  ? 20  DT  B "O4'" 1 
ATOM   396 C "C3'" . DT  B 1 8  ? -8.098  -1.244  -0.973  1.00 5.65  ? 20  DT  B "C3'" 1 
ATOM   397 O "O3'" . DT  B 1 8  ? -8.594  -2.107  0.021   1.00 5.69  ? 20  DT  B "O3'" 1 
ATOM   398 C "C2'" . DT  B 1 8  ? -7.840  0.218   -0.627  1.00 5.60  ? 20  DT  B "C2'" 1 
ATOM   399 C "C1'" . DT  B 1 8  ? -6.419  0.261   -0.194  1.00 5.52  ? 20  DT  B "C1'" 1 
ATOM   400 N N1    . DT  B 1 8  ? -5.653  1.403   -0.705  1.00 5.48  ? 20  DT  B N1    1 
ATOM   401 C C2    . DT  B 1 8  ? -4.827  1.956   0.303   1.00 5.49  ? 20  DT  B C2    1 
ATOM   402 O O2    . DT  B 1 8  ? -4.806  1.528   1.460   1.00 5.45  ? 20  DT  B O2    1 
ATOM   403 N N3    . DT  B 1 8  ? -4.094  3.039   -0.018  1.00 5.46  ? 20  DT  B N3    1 
ATOM   404 C C4    . DT  B 1 8  ? -4.029  3.583   -1.257  1.00 5.44  ? 20  DT  B C4    1 
ATOM   405 O O4    . DT  B 1 8  ? -3.227  4.552   -1.410  1.00 5.39  ? 20  DT  B O4    1 
ATOM   406 C C5    . DT  B 1 8  ? -4.846  2.986   -2.241  1.00 5.43  ? 20  DT  B C5    1 
ATOM   407 C C7    . DT  B 1 8  ? -4.825  3.590   -3.645  1.00 5.47  ? 20  DT  B C7    1 
ATOM   408 C C6    . DT  B 1 8  ? -5.610  1.937   -1.918  1.00 5.44  ? 20  DT  B C6    1 
ATOM   409 P P     . DC  B 1 9  ? -9.807  -2.010  1.016   1.00 6.17  ? 21  DC  B P     1 
ATOM   410 O OP1   . DC  B 1 9  ? -10.145 -3.346  1.669   1.00 6.08  ? 21  DC  B OP1   1 
ATOM   411 O OP2   . DC  B 1 9  ? -10.966 -1.498  0.228   1.00 6.00  ? 21  DC  B OP2   1 
ATOM   412 O "O5'" . DC  B 1 9  ? -9.345  -0.944  2.153   1.00 5.52  ? 21  DC  B "O5'" 1 
ATOM   413 C "C5'" . DC  B 1 9  ? -8.314  -1.110  3.044   1.00 5.36  ? 21  DC  B "C5'" 1 
ATOM   414 C "C4'" . DC  B 1 9  ? -8.525  -0.611  4.429   1.00 5.35  ? 21  DC  B "C4'" 1 
ATOM   415 O "O4'" . DC  B 1 9  ? -7.719  0.558   4.582   1.00 5.28  ? 21  DC  B "O4'" 1 
ATOM   416 C "C3'" . DC  B 1 9  ? -9.890  -0.096  4.943   1.00 5.34  ? 21  DC  B "C3'" 1 
ATOM   417 O "O3'" . DC  B 1 9  ? -9.900  -0.064  6.367   1.00 5.44  ? 21  DC  B "O3'" 1 
ATOM   418 C "C2'" . DC  B 1 9  ? -9.953  1.252   4.275   1.00 5.27  ? 21  DC  B "C2'" 1 
ATOM   419 C "C1'" . DC  B 1 9  ? -8.506  1.729   4.381   1.00 5.19  ? 21  DC  B "C1'" 1 
ATOM   420 N N1    . DC  B 1 9  ? -8.109  2.527   3.229   1.00 5.06  ? 21  DC  B N1    1 
ATOM   421 C C2    . DC  B 1 9  ? -7.310  3.613   3.470   1.00 5.02  ? 21  DC  B C2    1 
ATOM   422 O O2    . DC  B 1 9  ? -6.903  3.918   4.582   1.00 5.04  ? 21  DC  B O2    1 
ATOM   423 N N3    . DC  B 1 9  ? -6.934  4.418   2.444   1.00 5.01  ? 21  DC  B N3    1 
ATOM   424 C C4    . DC  B 1 9  ? -7.385  4.214   1.170   1.00 5.01  ? 21  DC  B C4    1 
ATOM   425 N N4    . DC  B 1 9  ? -6.981  5.067   0.229   1.00 4.98  ? 21  DC  B N4    1 
ATOM   426 C C5    . DC  B 1 9  ? -8.208  3.110   0.933   1.00 5.02  ? 21  DC  B C5    1 
ATOM   427 C C6    . DC  B 1 9  ? -8.552  2.299   1.954   1.00 5.06  ? 21  DC  B C6    1 
ATOM   428 P P     . DG  B 1 10 ? -11.150 0.047   7.353   1.00 6.35  ? 22  DG  B P     1 
ATOM   429 O OP1   . DG  B 1 10 ? -11.154 -1.026  8.482   1.00 5.66  ? 22  DG  B OP1   1 
ATOM   430 O OP2   . DG  B 1 10 ? -12.341 -0.046  6.534   1.00 5.83  ? 22  DG  B OP2   1 
ATOM   431 O "O5'" . DG  B 1 10 ? -10.817 1.459   8.106   1.00 5.74  ? 22  DG  B "O5'" 1 
ATOM   432 C "C5'" . DG  B 1 10 ? -9.543  2.106   7.819   1.00 5.74  ? 22  DG  B "C5'" 1 
ATOM   433 C "C4'" . DG  B 1 10 ? -9.594  3.515   8.397   1.00 5.71  ? 22  DG  B "C4'" 1 
ATOM   434 O "O4'" . DG  B 1 10 ? -9.302  4.535   7.426   1.00 5.68  ? 22  DG  B "O4'" 1 
ATOM   435 C "C3'" . DG  B 1 10 ? -10.957 3.937   8.968   1.00 5.71  ? 22  DG  B "C3'" 1 
ATOM   436 O "O3'" . DG  B 1 10 ? -10.867 4.953   9.957   1.00 5.69  ? 22  DG  B "O3'" 1 
ATOM   437 C "C2'" . DG  B 1 10 ? -11.635 4.285   7.630   1.00 5.64  ? 22  DG  B "C2'" 1 
ATOM   438 C "C1'" . DG  B 1 10 ? -10.548 5.134   7.029   1.00 5.60  ? 22  DG  B "C1'" 1 
ATOM   439 N N9    . DG  B 1 10 ? -10.604 5.299   5.572   1.00 5.55  ? 22  DG  B N9    1 
ATOM   440 C C8    . DG  B 1 10 ? -11.458 4.868   4.586   1.00 5.53  ? 22  DG  B C8    1 
ATOM   441 N N7    . DG  B 1 10 ? -11.204 5.373   3.382   1.00 5.50  ? 22  DG  B N7    1 
ATOM   442 C C5    . DG  B 1 10 ? -10.107 6.198   3.597   1.00 5.51  ? 22  DG  B C5    1 
ATOM   443 C C6    . DG  B 1 10 ? -9.345  7.021   2.732   1.00 5.49  ? 22  DG  B C6    1 
ATOM   444 O O6    . DG  B 1 10 ? -9.447  7.214   1.548   1.00 5.40  ? 22  DG  B O6    1 
ATOM   445 N N1    . DG  B 1 10 ? -8.366  7.772   3.369   1.00 5.47  ? 22  DG  B N1    1 
ATOM   446 C C2    . DG  B 1 10 ? -8.131  7.666   4.715   1.00 5.50  ? 22  DG  B C2    1 
ATOM   447 N N2    . DG  B 1 10 ? -7.141  8.413   5.183   1.00 5.48  ? 22  DG  B N2    1 
ATOM   448 N N3    . DG  B 1 10 ? -8.781  6.880   5.573   1.00 5.50  ? 22  DG  B N3    1 
ATOM   449 C C4    . DG  B 1 10 ? -9.741  6.180   4.942   1.00 5.51  ? 22  DG  B C4    1 
ATOM   450 P P     . DC  B 1 11 ? -12.144 5.360   10.801  1.00 6.43  ? 23  DC  B P     1 
ATOM   451 O OP1   . DC  B 1 11 ? -12.275 4.803   12.211  1.00 6.60  ? 23  DC  B OP1   1 
ATOM   452 O OP2   . DC  B 1 11 ? -13.222 4.961   9.925   1.00 6.54  ? 23  DC  B OP2   1 
ATOM   453 O "O5'" . DC  B 1 11 ? -11.874 7.006   11.015  1.00 5.47  ? 23  DC  B "O5'" 1 
ATOM   454 C "C5'" . DC  B 1 11 ? -11.126 7.406   12.157  1.00 5.21  ? 23  DC  B "C5'" 1 
ATOM   455 C "C4'" . DC  B 1 11 ? -10.013 8.419   11.972  1.00 5.13  ? 23  DC  B "C4'" 1 
ATOM   456 O "O4'" . DC  B 1 11 ? -9.222  8.246   10.810  1.00 5.08  ? 23  DC  B "O4'" 1 
ATOM   457 C "C3'" . DC  B 1 11 ? -10.494 9.880   11.927  1.00 5.09  ? 23  DC  B "C3'" 1 
ATOM   458 O "O3'" . DC  B 1 11 ? -10.599 10.434  13.222  1.00 5.09  ? 23  DC  B "O3'" 1 
ATOM   459 C "C2'" . DC  B 1 11 ? -9.528  10.566  10.987  1.00 5.03  ? 23  DC  B "C2'" 1 
ATOM   460 C "C1'" . DC  B 1 11 ? -9.086  9.469   10.032  1.00 4.95  ? 23  DC  B "C1'" 1 
ATOM   461 N N1    . DC  B 1 11 ? -9.863  9.350   8.795   1.00 4.84  ? 23  DC  B N1    1 
ATOM   462 C C2    . DC  B 1 11 ? -9.463  10.044  7.674   1.00 4.79  ? 23  DC  B C2    1 
ATOM   463 O O2    . DC  B 1 11 ? -8.475  10.788  7.699   1.00 4.67  ? 23  DC  B O2    1 
ATOM   464 N N3    . DC  B 1 11 ? -10.154 9.941   6.486   1.00 4.70  ? 23  DC  B N3    1 
ATOM   465 C C4    . DC  B 1 11 ? -11.218 9.108   6.390   1.00 4.76  ? 23  DC  B C4    1 
ATOM   466 N N4    . DC  B 1 11 ? -11.849 9.002   5.213   1.00 4.68  ? 23  DC  B N4    1 
ATOM   467 C C5    . DC  B 1 11 ? -11.631 8.335   7.518   1.00 4.75  ? 23  DC  B C5    1 
ATOM   468 C C6    . DC  B 1 11 ? -10.936 8.504   8.688   1.00 4.82  ? 23  DC  B C6    1 
ATOM   469 P P     . DG  B 1 12 ? -11.908 11.381  13.663  1.00 5.52  ? 24  DG  B P     1 
ATOM   470 O OP1   . DG  B 1 12 ? -12.024 11.322  15.127  1.00 4.95  ? 24  DG  B OP1   1 
ATOM   471 O OP2   . DG  B 1 12 ? -13.116 10.849  13.029  1.00 5.05  ? 24  DG  B OP2   1 
ATOM   472 O "O5'" . DG  B 1 12 ? -11.407 12.770  12.943  1.00 4.82  ? 24  DG  B "O5'" 1 
ATOM   473 C "C5'" . DG  B 1 12 ? -10.092 13.236  13.349  1.00 4.83  ? 24  DG  B "C5'" 1 
ATOM   474 C "C4'" . DG  B 1 12 ? -9.596  14.132  12.221  1.00 4.80  ? 24  DG  B "C4'" 1 
ATOM   475 O "O4'" . DG  B 1 12 ? -9.809  13.385  11.029  1.00 4.79  ? 24  DG  B "O4'" 1 
ATOM   476 C "C3'" . DG  B 1 12 ? -10.230 15.479  12.022  1.00 4.80  ? 24  DG  B "C3'" 1 
ATOM   477 O "O3'" . DG  B 1 12 ? -9.294  16.579  11.805  1.00 4.81  ? 24  DG  B "O3'" 1 
ATOM   478 C "C2'" . DG  B 1 12 ? -11.103 15.344  10.761  1.00 4.76  ? 24  DG  B "C2'" 1 
ATOM   479 C "C1'" . DG  B 1 12 ? -10.418 14.245  10.025  1.00 4.73  ? 24  DG  B "C1'" 1 
ATOM   480 N N9    . DG  B 1 12 ? -11.413 13.443  9.336   1.00 4.68  ? 24  DG  B N9    1 
ATOM   481 C C8    . DG  B 1 12 ? -12.142 12.428  9.903   1.00 4.67  ? 24  DG  B C8    1 
ATOM   482 N N7    . DG  B 1 12 ? -12.976 11.873  9.089   1.00 4.66  ? 24  DG  B N7    1 
ATOM   483 C C5    . DG  B 1 12 ? -12.757 12.547  7.882   1.00 4.65  ? 24  DG  B C5    1 
ATOM   484 C C6    . DG  B 1 12 ? -13.364 12.411  6.597   1.00 4.64  ? 24  DG  B C6    1 
ATOM   485 O O6    . DG  B 1 12 ? -14.244 11.596  6.337   1.00 4.61  ? 24  DG  B O6    1 
ATOM   486 N N1    . DG  B 1 12 ? -12.887 13.245  5.639   1.00 4.61  ? 24  DG  B N1    1 
ATOM   487 C C2    . DG  B 1 12 ? -11.935 14.176  5.923   1.00 4.65  ? 24  DG  B C2    1 
ATOM   488 N N2    . DG  B 1 12 ? -11.560 14.956  4.883   1.00 4.64  ? 24  DG  B N2    1 
ATOM   489 N N3    . DG  B 1 12 ? -11.341 14.385  7.104   1.00 4.67  ? 24  DG  B N3    1 
ATOM   490 C C4    . DG  B 1 12 ? -11.800 13.514  8.034   1.00 4.68  ? 24  DG  B C4    1 
HETATM 491 C C1    . NT  C 2 .  ? -5.686  4.629   8.650   1.00 23.49 ? 25  NT  B C1    1 
HETATM 492 N N1    . NT  C 2 .  ? -6.560  5.588   8.438   1.00 23.48 ? 25  NT  B N1    1 
HETATM 493 N N2    . NT  C 2 .  ? -5.742  4.051   9.885   1.00 23.50 ? 25  NT  B N2    1 
HETATM 494 N N3    . NT  C 2 .  ? -5.250  3.847   7.656   1.00 23.46 ? 25  NT  B N3    1 
HETATM 495 C C2    . NT  C 2 .  ? -5.926  3.006   6.786   1.00 23.46 ? 25  NT  B C2    1 
HETATM 496 C C3    . NT  C 2 .  ? -5.524  1.523   7.010   1.00 23.45 ? 25  NT  B C3    1 
HETATM 497 O O1    . NT  C 2 .  ? -5.111  1.272   8.165   1.00 23.44 ? 25  NT  B O1    1 
HETATM 498 N N4    . NT  C 2 .  ? -5.645  0.705   6.046   1.00 23.44 ? 25  NT  B N4    1 
HETATM 499 C C4    . NT  C 2 .  ? -5.568  -0.565  5.498   1.00 23.46 ? 25  NT  B C4    1 
HETATM 500 C C5    . NT  C 2 .  ? -5.032  -0.794  4.251   1.00 23.46 ? 25  NT  B C5    1 
HETATM 501 C C6    . NT  C 2 .  ? -5.085  -2.121  3.955   1.00 23.47 ? 25  NT  B C6    1 
HETATM 502 N N5    . NT  C 2 .  ? -5.711  -2.716  5.008   1.00 23.48 ? 25  NT  B N5    1 
HETATM 503 C C8    . NT  C 2 .  ? -6.033  -4.150  5.178   1.00 23.47 ? 25  NT  B C8    1 
HETATM 504 C C7    . NT  C 2 .  ? -6.014  -1.759  5.967   1.00 23.47 ? 25  NT  B C7    1 
HETATM 505 C C9    . NT  C 2 .  ? -4.782  -2.924  2.749   1.00 23.49 ? 25  NT  B C9    1 
HETATM 506 O O2    . NT  C 2 .  ? -5.324  -4.056  2.552   1.00 23.50 ? 25  NT  B O2    1 
HETATM 507 N N6    . NT  C 2 .  ? -4.078  -2.425  1.708   1.00 23.50 ? 25  NT  B N6    1 
HETATM 508 C C10   . NT  C 2 .  ? -3.921  -3.169  0.460   1.00 23.51 ? 25  NT  B C10   1 
HETATM 509 C C11   . NT  C 2 .  ? -3.054  -2.817  -0.577  1.00 23.50 ? 25  NT  B C11   1 
HETATM 510 C C12   . NT  C 2 .  ? -3.159  -3.695  -1.612  1.00 23.52 ? 25  NT  B C12   1 
HETATM 511 N N7    . NT  C 2 .  ? -4.204  -4.612  -1.146  1.00 23.52 ? 25  NT  B N7    1 
HETATM 512 C C14   . NT  C 2 .  ? -4.654  -5.716  -1.956  1.00 23.50 ? 25  NT  B C14   1 
HETATM 513 C C13   . NT  C 2 .  ? -4.640  -4.253  0.049   1.00 23.51 ? 25  NT  B C13   1 
HETATM 514 C C15   . NT  C 2 .  ? -2.695  -4.066  -2.919  1.00 23.55 ? 25  NT  B C15   1 
HETATM 515 O O3    . NT  C 2 .  ? -3.597  -4.225  -3.841  1.00 23.54 ? 25  NT  B O3    1 
HETATM 516 N N8    . NT  C 2 .  ? -1.446  -4.405  -3.292  1.00 23.55 ? 25  NT  B N8    1 
HETATM 517 C C16   . NT  C 2 .  ? -1.312  -4.783  -4.769  1.00 23.54 ? 25  NT  B C16   1 
HETATM 518 C C17   . NT  C 2 .  ? -0.185  -4.130  -5.467  1.00 23.57 ? 25  NT  B C17   1 
HETATM 519 C C18   . NT  C 2 .  ? -0.219  -4.278  -6.996  1.00 23.57 ? 25  NT  B C18   1 
HETATM 520 N N9    . NT  C 2 .  ? -0.905  -5.315  -7.514  1.00 23.59 ? 25  NT  B N9    1 
HETATM 521 N N10   . NT  C 2 .  ? 0.768   -3.748  -7.689  1.00 23.56 ? 25  NT  B N10   1 
HETATM 522 O O     . HOH D 3 .  ? 2.492   -10.577 1.964   1.00 2.50  ? 28  HOH A O     1 
HETATM 523 O O     . HOH D 3 .  ? -8.313  -11.000 -10.089 1.00 2.50  ? 29  HOH A O     1 
HETATM 524 O O     . HOH D 3 .  ? -8.067  -12.696 0.195   1.00 2.50  ? 35  HOH A O     1 
HETATM 525 O O     . HOH D 3 .  ? -6.896  -9.422  0.132   1.00 16.70 ? 39  HOH A O     1 
HETATM 526 O O     . HOH D 3 .  ? 7.085   5.917   2.577   1.00 2.50  ? 40  HOH A O     1 
HETATM 527 O O     . HOH D 3 .  ? -9.831  -10.584 -2.432  1.00 15.64 ? 41  HOH A O     1 
HETATM 528 O O     . HOH D 3 .  ? 1.549   -1.734  13.313  1.00 2.50  ? 47  HOH A O     1 
HETATM 529 O O     . HOH D 3 .  ? -11.211 9.206   -3.260  1.00 5.67  ? 48  HOH A O     1 
HETATM 530 O O     . HOH D 3 .  ? -4.346  -6.084  15.338  1.00 16.12 ? 49  HOH A O     1 
HETATM 531 O O     . HOH D 3 .  ? -10.382 10.241  -7.904  1.00 2.50  ? 54  HOH A O     1 
HETATM 532 O O     . HOH D 3 .  ? -1.081  -14.778 1.957   1.00 2.50  ? 57  HOH A O     1 
HETATM 533 O O     . HOH D 3 .  ? -4.540  -11.286 -6.827  1.00 2.55  ? 58  HOH A O     1 
HETATM 534 O O     . HOH D 3 .  ? -2.550  -12.279 2.764   1.00 2.50  ? 60  HOH A O     1 
HETATM 535 O O     . HOH D 3 .  ? -11.085 -12.504 -7.072  1.00 3.58  ? 62  HOH A O     1 
HETATM 536 O O     . HOH D 3 .  ? -9.601  -9.631  -5.438  1.00 4.91  ? 63  HOH A O     1 
HETATM 537 O O     . HOH D 3 .  ? 4.988   -3.870  6.405   1.00 7.94  ? 64  HOH A O     1 
HETATM 538 O O     . HOH D 3 .  ? 8.152   8.308   1.002   1.00 13.12 ? 68  HOH A O     1 
HETATM 539 O O     . HOH D 3 .  ? -6.138  -9.242  3.996   1.00 2.50  ? 69  HOH A O     1 
HETATM 540 O O     . HOH D 3 .  ? 0.800   9.104   -2.563  1.00 4.07  ? 71  HOH A O     1 
HETATM 541 O O     . HOH D 3 .  ? 3.458   1.712   12.501  1.00 28.51 ? 75  HOH A O     1 
HETATM 542 O O     . HOH D 3 .  ? -6.631  8.082   -4.379  1.00 2.50  ? 79  HOH A O     1 
HETATM 543 O O     . HOH D 3 .  ? -3.904  10.814  -4.521  1.00 2.50  ? 80  HOH A O     1 
HETATM 544 O O     . HOH D 3 .  ? -9.052  7.599   -7.288  1.00 2.50  ? 81  HOH A O     1 
HETATM 545 O O     . HOH D 3 .  ? -11.229 13.771  -11.572 1.00 12.67 ? 84  HOH A O     1 
HETATM 546 O O     . HOH D 3 .  ? -1.968  -13.171 -3.746  1.00 8.82  ? 88  HOH A O     1 
HETATM 547 O O     . HOH D 3 .  ? -10.507 19.024  -5.413  1.00 18.82 ? 93  HOH A O     1 
HETATM 548 O O     . HOH D 3 .  ? -3.914  -1.125  11.757  1.00 13.86 ? 94  HOH A O     1 
HETATM 549 O O     . HOH D 3 .  ? -18.300 11.975  3.225   1.00 46.03 ? 98  HOH A O     1 
HETATM 550 O O     . HOH D 3 .  ? -20.633 10.168  2.758   1.00 28.29 ? 99  HOH A O     1 
HETATM 551 O O     . HOH D 3 .  ? -5.039  -13.573 1.405   1.00 33.23 ? 100 HOH A O     1 
HETATM 552 O O     . HOH D 3 .  ? -7.932  -7.282  2.325   1.00 32.07 ? 105 HOH A O     1 
HETATM 553 O O     . HOH D 3 .  ? 10.303  -13.861 -10.420 1.00 11.61 ? 107 HOH A O     1 
HETATM 554 O O     . HOH D 3 .  ? 8.857   -16.348 -10.904 1.00 47.34 ? 109 HOH A O     1 
HETATM 555 O O     . HOH D 3 .  ? -8.567  -8.104  6.958   1.00 13.80 ? 110 HOH A O     1 
HETATM 556 O O     . HOH E 3 .  ? 14.739  -3.147  6.740   1.00 2.50  ? 26  HOH B O     1 
HETATM 557 O O     . HOH E 3 .  ? 11.232  -6.880  7.328   1.00 4.95  ? 27  HOH B O     1 
HETATM 558 O O     . HOH E 3 .  ? 11.834  -10.635 3.244   1.00 2.50  ? 30  HOH B O     1 
HETATM 559 O O     . HOH E 3 .  ? 16.128  -7.985  5.863   1.00 16.90 ? 31  HOH B O     1 
HETATM 560 O O     . HOH E 3 .  ? 18.905  -3.831  3.424   1.00 2.50  ? 32  HOH B O     1 
HETATM 561 O O     . HOH E 3 .  ? 14.876  -2.910  14.757  1.00 2.50  ? 33  HOH B O     1 
HETATM 562 O O     . HOH E 3 .  ? 11.101  -0.628  7.562   1.00 2.50  ? 34  HOH B O     1 
HETATM 563 O O     . HOH E 3 .  ? -5.593  5.728   -17.804 1.00 2.50  ? 36  HOH B O     1 
HETATM 564 O O     . HOH E 3 .  ? 7.763   1.888   6.359   1.00 10.02 ? 37  HOH B O     1 
HETATM 565 O O     . HOH E 3 .  ? 5.440   3.960   1.017   1.00 2.50  ? 38  HOH B O     1 
HETATM 566 O O     . HOH E 3 .  ? -10.094 2.210   -9.273  1.00 2.50  ? 42  HOH B O     1 
HETATM 567 O O     . HOH E 3 .  ? 3.825   8.982   -1.905  1.00 19.00 ? 43  HOH B O     1 
HETATM 568 O O     . HOH E 3 .  ? -1.032  9.039   -7.873  1.00 7.51  ? 44  HOH B O     1 
HETATM 569 O O     . HOH E 3 .  ? -4.259  11.052  -9.595  1.00 2.50  ? 45  HOH B O     1 
HETATM 570 O O     . HOH E 3 .  ? 12.386  -15.824 -6.864  1.00 2.50  ? 46  HOH B O     1 
HETATM 571 O O     . HOH E 3 .  ? -15.530 -2.859  -0.825  1.00 13.70 ? 50  HOH B O     1 
HETATM 572 O O     . HOH E 3 .  ? -10.696 0.553   -5.942  1.00 4.28  ? 51  HOH B O     1 
HETATM 573 O O     . HOH E 3 .  ? -10.032 -7.678  9.442   1.00 2.50  ? 52  HOH B O     1 
HETATM 574 O O     . HOH E 3 .  ? -5.704  14.283  -7.563  1.00 2.50  ? 53  HOH B O     1 
HETATM 575 O O     . HOH E 3 .  ? 6.936   -7.196  3.357   1.00 9.67  ? 55  HOH B O     1 
HETATM 576 O O     . HOH E 3 .  ? 14.765  -7.730  14.295  1.00 2.50  ? 56  HOH B O     1 
HETATM 577 O O     . HOH E 3 .  ? 6.185   4.909   -11.433 1.00 2.50  ? 59  HOH B O     1 
HETATM 578 O O     . HOH E 3 .  ? 10.657  2.174   3.490   1.00 2.50  ? 61  HOH B O     1 
HETATM 579 O O     . HOH E 3 .  ? 8.460   -1.569  10.917  1.00 2.93  ? 65  HOH B O     1 
HETATM 580 O O     . HOH E 3 .  ? -9.044  -6.560  -4.250  1.00 5.98  ? 66  HOH B O     1 
HETATM 581 O O     . HOH E 3 .  ? 10.799  -0.718  12.899  1.00 2.50  ? 67  HOH B O     1 
HETATM 582 O O     . HOH E 3 .  ? -4.710  7.499   -9.950  1.00 34.77 ? 70  HOH B O     1 
HETATM 583 O O     . HOH E 3 .  ? 0.553   5.524   -0.764  1.00 2.63  ? 72  HOH B O     1 
HETATM 584 O O     . HOH E 3 .  ? -13.407 1.653   4.111   1.00 12.01 ? 73  HOH B O     1 
HETATM 585 O O     . HOH E 3 .  ? 15.830  -19.265 -0.889  1.00 28.69 ? 74  HOH B O     1 
HETATM 586 O O     . HOH E 3 .  ? 15.365  -21.722 1.366   1.00 2.50  ? 76  HOH B O     1 
HETATM 587 O O     . HOH E 3 .  ? -15.783 -2.675  -7.916  1.00 23.09 ? 77  HOH B O     1 
HETATM 588 O O     . HOH E 3 .  ? -12.163 -7.337  4.441   1.00 13.40 ? 78  HOH B O     1 
HETATM 589 O O     . HOH E 3 .  ? -13.454 0.292   0.408   1.00 7.07  ? 82  HOH B O     1 
HETATM 590 O O     . HOH E 3 .  ? -18.334 -3.447  -2.864  1.00 25.79 ? 83  HOH B O     1 
HETATM 591 O O     . HOH E 3 .  ? 3.770   -2.894  -6.634  1.00 6.59  ? 85  HOH B O     1 
HETATM 592 O O     . HOH E 3 .  ? -4.571  -5.268  -6.086  1.00 10.32 ? 86  HOH B O     1 
HETATM 593 O O     . HOH E 3 .  ? 8.569   3.147   1.341   1.00 18.19 ? 87  HOH B O     1 
HETATM 594 O O     . HOH E 3 .  ? 16.197  -2.898  3.240   1.00 18.15 ? 89  HOH B O     1 
HETATM 595 O O     . HOH E 3 .  ? 4.804   6.700   -13.747 1.00 8.32  ? 90  HOH B O     1 
HETATM 596 O O     . HOH E 3 .  ? 7.469   -2.186  4.480   1.00 2.50  ? 91  HOH B O     1 
HETATM 597 O O     . HOH E 3 .  ? -12.703 3.844   15.067  1.00 17.47 ? 92  HOH B O     1 
HETATM 598 O O     . HOH E 3 .  ? 3.872   -18.403 10.026  1.00 24.69 ? 95  HOH B O     1 
HETATM 599 O O     . HOH E 3 .  ? 16.207  -4.943  12.412  1.00 29.54 ? 96  HOH B O     1 
HETATM 600 O O     . HOH E 3 .  ? 13.460  -1.057  4.085   1.00 46.55 ? 97  HOH B O     1 
HETATM 601 O O     . HOH E 3 .  ? -4.446  -0.755  -12.923 1.00 37.63 ? 101 HOH B O     1 
HETATM 602 O O     . HOH E 3 .  ? 8.372   -1.344  7.286   1.00 38.05 ? 102 HOH B O     1 
HETATM 603 O O     . HOH E 3 .  ? -9.097  -4.216  -11.618 1.00 37.81 ? 103 HOH B O     1 
HETATM 604 O O     . HOH E 3 .  ? -9.021  -3.074  -8.114  1.00 12.17 ? 104 HOH B O     1 
HETATM 605 O O     . HOH E 3 .  ? -11.118 -5.679  -1.382  1.00 9.17  ? 106 HOH B O     1 
HETATM 606 O O     . HOH E 3 .  ? -1.815  7.519   -4.372  1.00 23.85 ? 108 HOH B O     1 
HETATM 607 O O     . HOH E 3 .  ? -12.177 -2.401  -4.343  1.00 6.63  ? 111 HOH B O     1 
HETATM 608 O O     . HOH E 3 .  ? -1.124  11.830  -5.724  1.00 29.77 ? 112 HOH B O     1 
HETATM 609 O O     . HOH E 3 .  ? -10.745 5.263   -7.003  1.00 39.66 ? 113 HOH B O     1 
HETATM 610 O O     . HOH E 3 .  ? -12.588 -2.744  4.555   1.00 34.89 ? 114 HOH B O     1 
# 
